data_2GSO
#
_entry.id   2GSO
#
_cell.length_a   66.040
_cell.length_b   78.776
_cell.length_c   129.686
_cell.angle_alpha   90.00
_cell.angle_beta   90.00
_cell.angle_gamma   90.00
#
_symmetry.space_group_name_H-M   'P 21 21 21'
#
loop_
_entity.id
_entity.type
_entity.pdbx_description
1 polymer 'phosphodiesterase-nucleotide pyrophosphatase'
2 non-polymer 'ZINC ION'
3 non-polymer 'VANADATE ION'
4 water water
#
_entity_poly.entity_id   1
_entity_poly.type   'polypeptide(L)'
_entity_poly.pdbx_seq_one_letter_code
;ASASTPHALLLISIDGLRADMLDRGITPNLSHLAREGVRARWMAPSYPSLTFPNHYTLVTGLRPDHHGIVHNSMRDPTLG
GFWLSKSEAVGDARWWGGEPVWVGVENTGQHAATWSWPGSEAAIKGVRPSQWRHYQKGVRLDTRVDAVRGWLATDGAQRN
RLVTLYFEHVDEAGHDHGPESRQYADAVRAVDAAIGRLLAGMQRDGTRARTNIIVVSDHGMAEVAPGHAISVEDIAPPQI
ATAITDGQVIGFEPLPGQQAAAEASVLGAHDHYDCWRKAELPARWQYGSHPRIPSLVCQMHEGWDALFPDKLAKRAQRGT
RGSHGYDPALPSMRAVFLAQGPDLAQGKTLPGFDNVDVYALMSRLLGIPAAPNDGNPATLLPALRMPPAPDAR
;
_entity_poly.pdbx_strand_id   A,B
#
loop_
_chem_comp.id
_chem_comp.type
_chem_comp.name
_chem_comp.formula
VO4 non-polymer 'VANADATE ION' 'O4 V -3'
ZN non-polymer 'ZINC ION' 'Zn 2'
#
# COMPACT_ATOMS: atom_id res chain seq x y z
N THR A 5 -1.31 -41.74 -9.52
CA THR A 5 -1.74 -40.49 -10.22
C THR A 5 -1.82 -39.29 -9.24
N PRO A 6 -1.10 -38.19 -9.54
CA PRO A 6 -1.13 -37.03 -8.65
C PRO A 6 -2.45 -36.25 -8.67
N HIS A 7 -2.72 -35.51 -7.60
CA HIS A 7 -3.98 -34.76 -7.49
C HIS A 7 -4.03 -33.61 -8.46
N ALA A 8 -5.16 -33.51 -9.17
CA ALA A 8 -5.39 -32.41 -10.10
C ALA A 8 -5.65 -31.11 -9.34
N LEU A 9 -5.45 -29.99 -10.03
CA LEU A 9 -5.81 -28.67 -9.53
C LEU A 9 -6.85 -28.05 -10.46
N LEU A 10 -7.96 -27.61 -9.88
CA LEU A 10 -9.00 -26.85 -10.56
C LEU A 10 -8.83 -25.39 -10.10
N LEU A 11 -8.53 -24.50 -11.04
CA LEU A 11 -8.35 -23.07 -10.77
C LEU A 11 -9.51 -22.31 -11.38
N ILE A 12 -10.28 -21.64 -10.54
CA ILE A 12 -11.47 -20.92 -10.97
C ILE A 12 -11.27 -19.44 -10.74
N SER A 13 -11.48 -18.62 -11.77
CA SER A 13 -11.53 -17.16 -11.63
C SER A 13 -12.94 -16.61 -11.80
N ILE A 14 -13.38 -15.81 -10.82
CA ILE A 14 -14.64 -15.10 -10.90
C ILE A 14 -14.25 -13.62 -11.11
N ASP A 15 -14.27 -13.18 -12.36
CA ASP A 15 -13.81 -11.85 -12.71
C ASP A 15 -14.56 -10.78 -11.88
N GLY A 16 -13.84 -9.88 -11.22
CA GLY A 16 -14.45 -8.74 -10.56
C GLY A 16 -15.19 -8.99 -9.26
N LEU A 17 -15.00 -10.17 -8.66
CA LEU A 17 -15.63 -10.49 -7.39
C LEU A 17 -14.85 -9.84 -6.25
N ARG A 18 -15.46 -8.87 -5.58
CA ARG A 18 -14.82 -8.15 -4.49
C ARG A 18 -14.74 -9.00 -3.23
N ALA A 19 -13.68 -8.82 -2.46
CA ALA A 19 -13.40 -9.69 -1.30
C ALA A 19 -14.55 -9.78 -0.29
N ASP A 20 -15.29 -8.70 -0.11
CA ASP A 20 -16.34 -8.66 0.91
C ASP A 20 -17.61 -9.39 0.48
N MET A 21 -17.69 -9.80 -0.78
CA MET A 21 -18.91 -10.40 -1.31
C MET A 21 -19.15 -11.83 -0.84
N LEU A 22 -18.15 -12.43 -0.20
CA LEU A 22 -18.31 -13.74 0.43
C LEU A 22 -19.07 -13.68 1.76
N ASP A 23 -19.28 -12.47 2.29
CA ASP A 23 -19.84 -12.28 3.63
C ASP A 23 -21.21 -11.62 3.60
N ARG A 24 -21.96 -11.84 2.53
CA ARG A 24 -23.26 -11.19 2.33
C ARG A 24 -24.43 -12.16 2.22
N GLY A 25 -24.16 -13.45 2.42
CA GLY A 25 -25.20 -14.48 2.32
C GLY A 25 -25.63 -14.82 0.90
N ILE A 26 -24.79 -14.47 -0.08
CA ILE A 26 -25.12 -14.68 -1.49
C ILE A 26 -24.19 -15.68 -2.20
N THR A 27 -23.36 -16.38 -1.44
CA THR A 27 -22.41 -17.35 -1.99
C THR A 27 -22.40 -18.64 -1.17
N PRO A 28 -23.56 -19.31 -1.04
CA PRO A 28 -23.62 -20.49 -0.18
C PRO A 28 -22.60 -21.57 -0.52
N ASN A 29 -22.38 -21.83 -1.80
CA ASN A 29 -21.44 -22.87 -2.21
C ASN A 29 -19.98 -22.50 -1.93
N LEU A 30 -19.60 -21.28 -2.28
CA LEU A 30 -18.23 -20.81 -2.00
C LEU A 30 -17.97 -20.63 -0.50
N SER A 31 -18.96 -20.16 0.23
CA SER A 31 -18.84 -20.02 1.68
C SER A 31 -18.65 -21.40 2.33
N HIS A 32 -19.37 -22.40 1.85
CA HIS A 32 -19.18 -23.75 2.38
C HIS A 32 -17.79 -24.29 2.04
N LEU A 33 -17.36 -24.08 0.80
CA LEU A 33 -16.02 -24.46 0.34
C LEU A 33 -14.93 -23.81 1.21
N ALA A 34 -15.11 -22.52 1.49
CA ALA A 34 -14.15 -21.77 2.31
C ALA A 34 -14.06 -22.32 3.72
N ARG A 35 -15.20 -22.67 4.30
CA ARG A 35 -15.26 -23.25 5.65
C ARG A 35 -14.57 -24.61 5.72
N GLU A 36 -14.76 -25.42 4.67
CA GLU A 36 -14.11 -26.73 4.57
C GLU A 36 -12.61 -26.59 4.38
N GLY A 37 -12.19 -25.50 3.74
CA GLY A 37 -10.80 -25.35 3.32
C GLY A 37 -10.12 -24.14 3.95
N VAL A 38 -9.53 -23.32 3.08
CA VAL A 38 -8.75 -22.16 3.48
C VAL A 38 -9.32 -20.91 2.83
N ARG A 39 -9.40 -19.83 3.58
CA ARG A 39 -9.84 -18.57 3.03
C ARG A 39 -8.95 -17.44 3.51
N ALA A 40 -8.47 -16.62 2.58
CA ALA A 40 -7.76 -15.41 2.94
C ALA A 40 -8.77 -14.30 3.21
N ARG A 41 -8.40 -13.37 4.08
CA ARG A 41 -9.29 -12.23 4.35
C ARG A 41 -9.59 -11.52 3.04
N TRP A 42 -8.56 -11.43 2.21
CA TRP A 42 -8.66 -10.80 0.89
C TRP A 42 -7.34 -11.04 0.20
N MET A 43 -7.27 -10.75 -1.11
CA MET A 43 -6.04 -10.84 -1.88
C MET A 43 -5.92 -9.55 -2.66
N ALA A 44 -4.78 -8.88 -2.59
CA ALA A 44 -4.60 -7.63 -3.29
C ALA A 44 -4.18 -7.90 -4.73
N PRO A 45 -4.80 -7.20 -5.68
CA PRO A 45 -4.30 -7.28 -7.04
C PRO A 45 -2.97 -6.56 -7.20
N SER A 46 -2.31 -6.78 -8.33
CA SER A 46 -1.14 -6.00 -8.71
C SER A 46 -1.53 -4.79 -9.55
N TYR A 47 -0.65 -3.83 -9.66
CA TYR A 47 -0.90 -2.66 -10.48
C TYR A 47 -0.59 -2.96 -11.94
N PRO A 48 -1.49 -2.59 -12.87
CA PRO A 48 -2.79 -1.99 -12.64
C PRO A 48 -3.89 -3.00 -12.35
N SER A 49 -4.93 -2.60 -11.62
CA SER A 49 -5.98 -3.54 -11.17
C SER A 49 -6.98 -3.85 -12.27
N LEU A 50 -6.46 -4.38 -13.37
CA LEU A 50 -7.22 -4.67 -14.57
C LEU A 50 -7.15 -6.17 -14.88
N THR A 51 -8.03 -6.64 -15.75
CA THR A 51 -8.22 -8.07 -15.99
C THR A 51 -7.06 -8.82 -16.57
N PHE A 52 -6.53 -8.38 -17.70
CA PHE A 52 -5.49 -9.16 -18.34
C PHE A 52 -4.20 -9.15 -17.52
N PRO A 53 -3.75 -7.97 -17.06
CA PRO A 53 -2.59 -7.95 -16.21
C PRO A 53 -2.68 -8.88 -15.00
N ASN A 54 -3.80 -8.85 -14.29
CA ASN A 54 -3.93 -9.65 -13.08
C ASN A 54 -4.18 -11.12 -13.29
N HIS A 55 -4.94 -11.50 -14.31
CA HIS A 55 -5.07 -12.91 -14.58
C HIS A 55 -3.69 -13.49 -14.94
N TYR A 56 -2.90 -12.74 -15.69
CA TYR A 56 -1.61 -13.27 -16.11
C TYR A 56 -0.64 -13.29 -14.92
N THR A 57 -0.72 -12.30 -14.04
CA THR A 57 0.04 -12.33 -12.80
C THR A 57 -0.27 -13.57 -11.99
N LEU A 58 -1.55 -13.91 -11.87
CA LEU A 58 -1.93 -15.04 -11.04
C LEU A 58 -1.24 -16.34 -11.46
N VAL A 59 -1.17 -16.58 -12.77
CA VAL A 59 -0.60 -17.83 -13.28
C VAL A 59 0.92 -17.82 -13.53
N THR A 60 1.58 -16.66 -13.37
CA THR A 60 3.04 -16.55 -13.55
C THR A 60 3.81 -16.16 -12.28
N GLY A 61 3.12 -15.57 -11.31
CA GLY A 61 3.79 -15.05 -10.13
C GLY A 61 4.59 -13.77 -10.38
N LEU A 62 4.36 -13.12 -11.52
CA LEU A 62 5.09 -11.92 -11.91
C LEU A 62 4.19 -10.70 -11.88
N ARG A 63 4.73 -9.58 -11.43
CA ARG A 63 4.03 -8.30 -11.56
C ARG A 63 3.90 -7.94 -13.03
N PRO A 64 2.82 -7.24 -13.38
CA PRO A 64 2.69 -6.79 -14.77
C PRO A 64 3.91 -6.05 -15.35
N ASP A 65 4.60 -5.24 -14.55
CA ASP A 65 5.82 -4.58 -14.99
C ASP A 65 6.89 -5.57 -15.48
N HIS A 66 6.81 -6.83 -15.01
CA HIS A 66 7.78 -7.84 -15.43
C HIS A 66 7.27 -8.75 -16.54
N HIS A 67 6.02 -9.16 -16.46
CA HIS A 67 5.50 -10.10 -17.46
C HIS A 67 5.12 -9.43 -18.79
N GLY A 68 4.96 -8.11 -18.80
CA GLY A 68 4.73 -7.36 -20.04
C GLY A 68 3.30 -7.10 -20.47
N ILE A 69 2.34 -7.75 -19.81
CA ILE A 69 0.94 -7.44 -20.01
C ILE A 69 0.61 -6.31 -19.03
N VAL A 70 1.03 -5.11 -19.43
CA VAL A 70 1.04 -3.96 -18.55
C VAL A 70 -0.28 -3.21 -18.54
N HIS A 71 -1.19 -3.58 -19.44
CA HIS A 71 -2.53 -3.00 -19.47
C HIS A 71 -3.38 -3.96 -20.31
N ASN A 72 -4.69 -3.76 -20.36
CA ASN A 72 -5.52 -4.49 -21.31
C ASN A 72 -5.27 -4.02 -22.76
N SER A 73 -4.90 -2.75 -22.91
N SER A 73 -4.87 -2.76 -22.92
CA SER A 73 -4.62 -2.14 -24.21
CA SER A 73 -4.63 -2.17 -24.23
C SER A 73 -3.19 -1.59 -24.21
C SER A 73 -3.23 -1.57 -24.24
N MET A 74 -2.42 -1.98 -25.21
CA MET A 74 -1.00 -1.61 -25.27
C MET A 74 -0.54 -1.35 -26.68
N ARG A 75 0.63 -0.71 -26.76
CA ARG A 75 1.38 -0.55 -28.01
C ARG A 75 2.82 -1.01 -27.78
N ASP A 76 3.38 -1.64 -28.80
CA ASP A 76 4.76 -2.11 -28.77
C ASP A 76 5.38 -1.72 -30.12
N PRO A 77 6.63 -1.23 -30.11
CA PRO A 77 7.26 -0.79 -31.36
C PRO A 77 7.34 -1.89 -32.42
N THR A 78 7.60 -3.12 -31.98
CA THR A 78 7.76 -4.25 -32.90
C THR A 78 6.43 -4.91 -33.18
N LEU A 79 5.66 -5.19 -32.14
CA LEU A 79 4.47 -6.03 -32.25
C LEU A 79 3.22 -5.26 -32.63
N GLY A 80 3.27 -3.93 -32.50
CA GLY A 80 2.11 -3.09 -32.79
C GLY A 80 1.14 -2.99 -31.64
N GLY A 81 -0.15 -3.04 -31.94
CA GLY A 81 -1.20 -2.85 -30.94
C GLY A 81 -1.71 -4.15 -30.34
N PHE A 82 -2.16 -4.06 -29.09
CA PHE A 82 -2.74 -5.19 -28.36
C PHE A 82 -3.98 -4.67 -27.68
N TRP A 83 -5.12 -5.33 -27.87
CA TRP A 83 -6.28 -5.12 -27.02
C TRP A 83 -7.11 -6.40 -27.03
N LEU A 84 -8.09 -6.48 -26.15
CA LEU A 84 -8.71 -7.76 -25.82
C LEU A 84 -9.41 -8.42 -27.01
N SER A 85 -9.91 -7.61 -27.94
CA SER A 85 -10.60 -8.13 -29.13
C SER A 85 -9.73 -8.18 -30.40
N LYS A 86 -8.42 -8.03 -30.25
CA LYS A 86 -7.50 -8.24 -31.37
C LYS A 86 -6.88 -9.62 -31.21
N SER A 87 -7.54 -10.60 -31.81
CA SER A 87 -7.22 -12.01 -31.59
C SER A 87 -5.79 -12.39 -31.95
N GLU A 88 -5.23 -11.85 -33.03
CA GLU A 88 -3.86 -12.25 -33.40
C GLU A 88 -2.80 -11.60 -32.53
N ALA A 89 -3.16 -10.56 -31.76
CA ALA A 89 -2.28 -10.01 -30.73
C ALA A 89 -2.38 -10.87 -29.48
N VAL A 90 -3.61 -11.09 -29.00
CA VAL A 90 -3.85 -11.90 -27.81
C VAL A 90 -3.24 -13.31 -27.99
N GLY A 91 -3.28 -13.81 -29.22
CA GLY A 91 -2.75 -15.15 -29.52
C GLY A 91 -1.28 -15.21 -29.88
N ASP A 92 -0.57 -14.07 -29.79
CA ASP A 92 0.84 -13.97 -30.17
C ASP A 92 1.69 -14.05 -28.90
N ALA A 93 2.41 -15.16 -28.76
CA ALA A 93 3.21 -15.44 -27.58
C ALA A 93 4.22 -14.36 -27.23
N ARG A 94 4.64 -13.56 -28.19
CA ARG A 94 5.68 -12.55 -27.96
C ARG A 94 5.24 -11.45 -27.00
N TRP A 95 3.94 -11.29 -26.81
CA TRP A 95 3.44 -10.34 -25.80
C TRP A 95 3.63 -10.83 -24.37
N TRP A 96 3.65 -12.16 -24.20
CA TRP A 96 3.46 -12.77 -22.89
C TRP A 96 4.78 -13.25 -22.27
N GLY A 97 5.23 -12.57 -21.21
CA GLY A 97 6.51 -12.91 -20.57
C GLY A 97 6.37 -14.00 -19.53
N GLY A 98 7.49 -14.50 -19.04
CA GLY A 98 7.47 -15.52 -18.01
C GLY A 98 6.90 -16.86 -18.45
N GLU A 99 6.51 -17.66 -17.47
CA GLU A 99 6.04 -19.02 -17.70
C GLU A 99 4.77 -19.26 -16.90
N PRO A 100 3.61 -19.28 -17.59
CA PRO A 100 2.39 -19.58 -16.84
C PRO A 100 2.33 -21.04 -16.45
N VAL A 101 1.58 -21.34 -15.39
CA VAL A 101 1.54 -22.70 -14.85
C VAL A 101 1.20 -23.78 -15.88
N TRP A 102 0.35 -23.49 -16.88
CA TRP A 102 0.02 -24.53 -17.87
C TRP A 102 1.22 -24.92 -18.73
N VAL A 103 2.13 -23.99 -18.98
CA VAL A 103 3.39 -24.29 -19.68
C VAL A 103 4.26 -25.19 -18.81
N GLY A 104 4.38 -24.86 -17.52
CA GLY A 104 5.08 -25.71 -16.60
C GLY A 104 4.55 -27.14 -16.55
N VAL A 105 3.23 -27.26 -16.51
CA VAL A 105 2.57 -28.56 -16.50
C VAL A 105 2.86 -29.37 -17.77
N GLU A 106 2.62 -28.79 -18.94
CA GLU A 106 2.86 -29.50 -20.21
C GLU A 106 4.33 -29.92 -20.36
N ASN A 107 5.25 -29.09 -19.87
CA ASN A 107 6.68 -29.41 -19.97
C ASN A 107 7.12 -30.58 -19.08
N THR A 108 6.29 -30.98 -18.13
CA THR A 108 6.56 -32.20 -17.34
C THR A 108 5.92 -33.46 -17.94
N GLY A 109 5.28 -33.32 -19.10
CA GLY A 109 4.58 -34.43 -19.72
C GLY A 109 3.15 -34.61 -19.24
N GLN A 110 2.71 -33.74 -18.34
CA GLN A 110 1.33 -33.73 -17.88
C GLN A 110 0.53 -32.77 -18.75
N HIS A 111 -0.77 -32.69 -18.52
CA HIS A 111 -1.63 -31.90 -19.40
C HIS A 111 -2.47 -30.87 -18.66
N ALA A 112 -2.73 -29.78 -19.37
CA ALA A 112 -3.54 -28.69 -18.85
C ALA A 112 -4.70 -28.41 -19.79
N ALA A 113 -5.86 -28.09 -19.21
CA ALA A 113 -7.06 -27.76 -19.97
C ALA A 113 -7.61 -26.44 -19.45
N THR A 114 -7.76 -25.46 -20.34
CA THR A 114 -8.15 -24.11 -19.92
C THR A 114 -9.45 -23.69 -20.57
N TRP A 115 -10.40 -23.21 -19.78
CA TRP A 115 -11.55 -22.48 -20.31
C TRP A 115 -11.29 -20.96 -20.21
N SER A 116 -10.65 -20.41 -21.24
N SER A 116 -10.59 -20.40 -21.19
CA SER A 116 -10.50 -18.98 -21.43
CA SER A 116 -10.53 -18.96 -21.45
C SER A 116 -9.85 -18.26 -20.25
C SER A 116 -9.72 -18.10 -20.47
N TRP A 117 -8.61 -18.62 -19.96
CA TRP A 117 -7.74 -17.85 -19.07
C TRP A 117 -6.88 -16.94 -19.95
N PRO A 118 -6.78 -15.64 -19.63
CA PRO A 118 -5.90 -14.76 -20.42
C PRO A 118 -4.50 -15.34 -20.61
N GLY A 119 -4.09 -15.44 -21.87
CA GLY A 119 -2.80 -15.99 -22.24
C GLY A 119 -2.91 -17.38 -22.84
N SER A 120 -4.03 -18.07 -22.56
CA SER A 120 -4.18 -19.47 -22.97
C SER A 120 -4.43 -19.66 -24.46
N GLU A 121 -4.63 -18.56 -25.19
CA GLU A 121 -4.81 -18.62 -26.65
C GLU A 121 -3.49 -18.49 -27.40
N ALA A 122 -2.40 -18.31 -26.66
CA ALA A 122 -1.05 -18.23 -27.23
C ALA A 122 -0.22 -19.47 -26.92
N ALA A 123 0.89 -19.59 -27.63
CA ALA A 123 1.87 -20.64 -27.43
C ALA A 123 3.05 -20.05 -26.65
N ILE A 124 2.82 -19.80 -25.37
CA ILE A 124 3.80 -19.06 -24.55
C ILE A 124 4.99 -19.98 -24.27
N LYS A 125 6.20 -19.47 -24.48
CA LYS A 125 7.42 -20.29 -24.47
C LYS A 125 7.26 -21.53 -25.35
N GLY A 126 6.46 -21.37 -26.42
CA GLY A 126 6.21 -22.44 -27.38
C GLY A 126 5.15 -23.46 -27.03
N VAL A 127 4.53 -23.32 -25.87
CA VAL A 127 3.74 -24.41 -25.32
C VAL A 127 2.28 -23.99 -25.08
N ARG A 128 1.36 -24.56 -25.86
CA ARG A 128 -0.07 -24.38 -25.62
C ARG A 128 -0.59 -25.37 -24.59
N PRO A 129 -1.70 -25.04 -23.92
CA PRO A 129 -2.40 -26.07 -23.16
C PRO A 129 -2.94 -27.16 -24.10
N SER A 130 -3.20 -28.34 -23.55
CA SER A 130 -3.80 -29.40 -24.34
C SER A 130 -5.21 -29.06 -24.80
N GLN A 131 -6.00 -28.45 -23.92
CA GLN A 131 -7.33 -27.94 -24.26
C GLN A 131 -7.38 -26.45 -24.02
N TRP A 132 -7.97 -25.71 -24.97
CA TRP A 132 -8.13 -24.25 -24.87
C TRP A 132 -9.07 -23.78 -25.96
N ARG A 133 -9.51 -22.53 -25.88
CA ARG A 133 -10.37 -21.99 -26.94
C ARG A 133 -10.26 -20.48 -27.05
N HIS A 134 -10.75 -19.95 -28.16
CA HIS A 134 -10.86 -18.51 -28.30
C HIS A 134 -12.08 -18.06 -27.49
N TYR A 135 -11.86 -17.12 -26.59
CA TYR A 135 -12.92 -16.66 -25.70
C TYR A 135 -13.98 -15.95 -26.51
N GLN A 136 -15.23 -16.37 -26.38
CA GLN A 136 -16.33 -15.66 -27.02
C GLN A 136 -17.39 -15.33 -25.99
N LYS A 137 -18.12 -14.24 -26.26
CA LYS A 137 -19.10 -13.72 -25.31
C LYS A 137 -20.31 -14.63 -25.26
N GLY A 138 -20.99 -14.60 -24.12
CA GLY A 138 -22.32 -15.18 -23.98
C GLY A 138 -22.42 -16.70 -23.96
N VAL A 139 -21.33 -17.39 -23.59
CA VAL A 139 -21.40 -18.85 -23.42
C VAL A 139 -22.20 -19.16 -22.16
N ARG A 140 -23.01 -20.22 -22.21
CA ARG A 140 -23.84 -20.59 -21.06
C ARG A 140 -22.99 -21.06 -19.88
N LEU A 141 -23.54 -20.90 -18.67
CA LEU A 141 -22.85 -21.36 -17.46
C LEU A 141 -22.68 -22.88 -17.45
N ASP A 142 -23.72 -23.61 -17.86
N ASP A 142 -23.71 -23.61 -17.87
CA ASP A 142 -23.66 -25.07 -17.94
CA ASP A 142 -23.63 -25.07 -17.90
C ASP A 142 -22.67 -25.56 -18.98
C ASP A 142 -22.67 -25.58 -18.98
N THR A 143 -22.58 -24.87 -20.11
CA THR A 143 -21.67 -25.25 -21.19
C THR A 143 -20.23 -25.33 -20.67
N ARG A 144 -19.78 -24.29 -19.98
CA ARG A 144 -18.41 -24.26 -19.51
C ARG A 144 -18.19 -25.18 -18.31
N VAL A 145 -19.17 -25.24 -17.41
CA VAL A 145 -19.10 -26.10 -16.23
C VAL A 145 -19.03 -27.57 -16.64
N ASP A 146 -19.85 -27.96 -17.60
CA ASP A 146 -19.89 -29.35 -18.02
C ASP A 146 -18.58 -29.72 -18.74
N ALA A 147 -18.01 -28.79 -19.50
CA ALA A 147 -16.72 -29.01 -20.16
C ALA A 147 -15.60 -29.25 -19.15
N VAL A 148 -15.54 -28.40 -18.14
CA VAL A 148 -14.55 -28.50 -17.07
C VAL A 148 -14.70 -29.80 -16.30
N ARG A 149 -15.95 -30.16 -16.01
CA ARG A 149 -16.25 -31.41 -15.36
C ARG A 149 -15.70 -32.59 -16.18
N GLY A 150 -15.92 -32.53 -17.49
CA GLY A 150 -15.37 -33.51 -18.42
C GLY A 150 -13.87 -33.60 -18.38
N TRP A 151 -13.21 -32.44 -18.41
CA TRP A 151 -11.75 -32.40 -18.44
C TRP A 151 -11.11 -32.95 -17.17
N LEU A 152 -11.81 -32.83 -16.05
CA LEU A 152 -11.33 -33.39 -14.78
C LEU A 152 -11.51 -34.90 -14.73
N ALA A 153 -12.48 -35.43 -15.46
CA ALA A 153 -12.79 -36.86 -15.44
C ALA A 153 -11.97 -37.70 -16.42
N THR A 154 -11.36 -37.05 -17.40
N THR A 154 -11.38 -37.07 -17.43
CA THR A 154 -10.58 -37.73 -18.44
CA THR A 154 -10.61 -37.79 -18.45
C THR A 154 -9.41 -38.52 -17.84
C THR A 154 -9.42 -38.52 -17.84
N ASP A 155 -9.15 -39.70 -18.38
CA ASP A 155 -8.09 -40.57 -17.90
C ASP A 155 -7.16 -40.91 -19.07
N GLY A 156 -6.23 -41.83 -18.83
CA GLY A 156 -5.25 -42.20 -19.86
C GLY A 156 -4.40 -41.01 -20.26
N ALA A 157 -4.02 -40.97 -21.54
CA ALA A 157 -3.10 -39.95 -22.05
C ALA A 157 -3.68 -38.54 -22.13
N GLN A 158 -4.98 -38.40 -21.88
CA GLN A 158 -5.64 -37.11 -21.93
C GLN A 158 -6.04 -36.66 -20.52
N ARG A 159 -5.37 -37.22 -19.50
CA ARG A 159 -5.62 -36.83 -18.10
C ARG A 159 -5.02 -35.46 -17.85
N ASN A 160 -5.78 -34.61 -17.17
CA ASN A 160 -5.39 -33.22 -16.95
C ASN A 160 -5.00 -32.94 -15.50
N ARG A 161 -3.75 -32.56 -15.29
CA ARG A 161 -3.27 -32.18 -13.96
C ARG A 161 -3.81 -30.81 -13.56
N LEU A 162 -4.02 -29.94 -14.55
CA LEU A 162 -4.52 -28.60 -14.34
C LEU A 162 -5.75 -28.37 -15.19
N VAL A 163 -6.83 -27.88 -14.59
CA VAL A 163 -8.01 -27.43 -15.31
C VAL A 163 -8.38 -26.02 -14.83
N THR A 164 -8.64 -25.09 -15.75
CA THR A 164 -8.99 -23.72 -15.37
C THR A 164 -10.37 -23.37 -15.90
N LEU A 165 -11.06 -22.54 -15.13
CA LEU A 165 -12.42 -22.12 -15.40
C LEU A 165 -12.52 -20.61 -15.13
N TYR A 166 -13.28 -19.89 -15.96
CA TYR A 166 -13.35 -18.43 -15.89
C TYR A 166 -14.80 -18.00 -16.03
N PHE A 167 -15.23 -17.05 -15.20
CA PHE A 167 -16.55 -16.44 -15.34
C PHE A 167 -16.43 -14.92 -15.46
N GLU A 168 -17.14 -14.35 -16.43
CA GLU A 168 -17.15 -12.89 -16.65
C GLU A 168 -18.34 -12.17 -16.02
N HIS A 169 -19.33 -12.91 -15.53
CA HIS A 169 -20.67 -12.36 -15.28
C HIS A 169 -20.72 -11.31 -14.17
N VAL A 170 -19.93 -11.53 -13.13
CA VAL A 170 -19.93 -10.61 -11.98
C VAL A 170 -19.30 -9.29 -12.41
N ASP A 171 -18.20 -9.37 -13.14
CA ASP A 171 -17.54 -8.16 -13.64
C ASP A 171 -18.48 -7.36 -14.53
N GLU A 172 -19.15 -8.03 -15.47
CA GLU A 172 -20.03 -7.36 -16.42
C GLU A 172 -21.18 -6.64 -15.72
N ALA A 173 -21.78 -7.31 -14.73
CA ALA A 173 -22.86 -6.72 -13.96
C ALA A 173 -22.35 -5.53 -13.14
N GLY A 174 -21.13 -5.63 -12.63
CA GLY A 174 -20.52 -4.57 -11.84
C GLY A 174 -20.30 -3.33 -12.69
N HIS A 175 -19.76 -3.50 -13.88
CA HIS A 175 -19.58 -2.35 -14.75
C HIS A 175 -20.90 -1.67 -15.09
N ASP A 176 -21.90 -2.49 -15.44
CA ASP A 176 -23.18 -1.96 -15.91
C ASP A 176 -24.02 -1.30 -14.82
N HIS A 177 -23.88 -1.75 -13.57
CA HIS A 177 -24.82 -1.37 -12.51
C HIS A 177 -24.22 -1.03 -11.16
N GLY A 178 -22.95 -1.33 -10.96
CA GLY A 178 -22.27 -1.05 -9.70
C GLY A 178 -22.27 -2.23 -8.77
N PRO A 179 -21.29 -2.26 -7.85
CA PRO A 179 -21.14 -3.42 -6.97
C PRO A 179 -22.21 -3.59 -5.89
N GLU A 180 -22.95 -2.53 -5.56
CA GLU A 180 -24.04 -2.63 -4.57
C GLU A 180 -25.40 -2.90 -5.21
N SER A 181 -25.42 -3.09 -6.52
CA SER A 181 -26.66 -3.29 -7.25
C SER A 181 -27.23 -4.69 -7.08
N ARG A 182 -28.53 -4.83 -7.28
CA ARG A 182 -29.12 -6.15 -7.24
C ARG A 182 -28.60 -7.00 -8.41
N GLN A 183 -28.21 -6.37 -9.51
CA GLN A 183 -27.67 -7.10 -10.68
C GLN A 183 -26.32 -7.75 -10.38
N TYR A 184 -25.47 -7.04 -9.66
CA TYR A 184 -24.17 -7.61 -9.28
C TYR A 184 -24.40 -8.79 -8.34
N ALA A 185 -25.29 -8.62 -7.36
CA ALA A 185 -25.58 -9.71 -6.44
C ALA A 185 -26.19 -10.92 -7.17
N ASP A 186 -27.07 -10.67 -8.14
CA ASP A 186 -27.68 -11.76 -8.90
C ASP A 186 -26.61 -12.54 -9.69
N ALA A 187 -25.62 -11.82 -10.23
CA ALA A 187 -24.53 -12.47 -10.96
C ALA A 187 -23.67 -13.32 -10.01
N VAL A 188 -23.40 -12.80 -8.82
CA VAL A 188 -22.64 -13.52 -7.82
C VAL A 188 -23.37 -14.81 -7.46
N ARG A 189 -24.66 -14.69 -7.17
CA ARG A 189 -25.47 -15.88 -6.86
C ARG A 189 -25.46 -16.92 -7.97
N ALA A 190 -25.58 -16.47 -9.21
CA ALA A 190 -25.64 -17.36 -10.37
C ALA A 190 -24.32 -18.12 -10.58
N VAL A 191 -23.21 -17.41 -10.46
CA VAL A 191 -21.89 -18.02 -10.61
C VAL A 191 -21.66 -18.98 -9.44
N ASP A 192 -22.03 -18.58 -8.24
CA ASP A 192 -21.91 -19.46 -7.08
C ASP A 192 -22.69 -20.75 -7.29
N ALA A 193 -23.91 -20.63 -7.84
CA ALA A 193 -24.76 -21.80 -8.05
C ALA A 193 -24.16 -22.71 -9.11
N ALA A 194 -23.60 -22.12 -10.16
CA ALA A 194 -22.93 -22.89 -11.21
C ALA A 194 -21.75 -23.68 -10.63
N ILE A 195 -21.00 -23.05 -9.74
CA ILE A 195 -19.89 -23.70 -9.09
C ILE A 195 -20.40 -24.84 -8.20
N GLY A 196 -21.51 -24.63 -7.51
CA GLY A 196 -22.17 -25.70 -6.76
C GLY A 196 -22.51 -26.89 -7.65
N ARG A 197 -23.03 -26.62 -8.83
CA ARG A 197 -23.36 -27.71 -9.77
C ARG A 197 -22.12 -28.46 -10.24
N LEU A 198 -21.02 -27.74 -10.45
CA LEU A 198 -19.74 -28.37 -10.80
C LEU A 198 -19.26 -29.28 -9.68
N LEU A 199 -19.26 -28.78 -8.44
CA LEU A 199 -18.82 -29.56 -7.29
C LEU A 199 -19.65 -30.83 -7.09
N ALA A 200 -20.97 -30.72 -7.22
CA ALA A 200 -21.83 -31.89 -7.07
C ALA A 200 -21.54 -32.92 -8.17
N GLY A 201 -21.32 -32.45 -9.38
CA GLY A 201 -20.95 -33.30 -10.50
C GLY A 201 -19.60 -33.99 -10.31
N MET A 202 -18.62 -33.24 -9.80
CA MET A 202 -17.31 -33.82 -9.50
C MET A 202 -17.46 -34.93 -8.45
N GLN A 203 -18.33 -34.71 -7.48
CA GLN A 203 -18.58 -35.74 -6.46
C GLN A 203 -19.22 -36.98 -7.09
N ARG A 204 -20.17 -36.81 -7.99
CA ARG A 204 -20.78 -37.97 -8.67
C ARG A 204 -19.79 -38.71 -9.59
N ASP A 205 -18.84 -37.96 -10.13
CA ASP A 205 -17.79 -38.52 -11.00
C ASP A 205 -16.64 -39.16 -10.21
N GLY A 206 -16.56 -38.89 -8.92
CA GLY A 206 -15.45 -39.35 -8.08
C GLY A 206 -14.16 -38.56 -8.30
N THR A 207 -14.26 -37.38 -8.88
CA THR A 207 -13.09 -36.50 -9.05
C THR A 207 -12.94 -35.51 -7.90
N ARG A 208 -14.01 -35.25 -7.15
CA ARG A 208 -13.95 -34.23 -6.09
C ARG A 208 -12.85 -34.53 -5.09
N ALA A 209 -12.79 -35.78 -4.62
CA ALA A 209 -11.90 -36.17 -3.53
C ALA A 209 -10.42 -36.16 -3.91
N ARG A 210 -10.10 -36.14 -5.20
CA ARG A 210 -8.70 -36.12 -5.66
C ARG A 210 -8.33 -34.81 -6.39
N THR A 211 -9.16 -33.78 -6.24
CA THR A 211 -8.92 -32.51 -6.93
C THR A 211 -8.81 -31.38 -5.91
N ASN A 212 -7.68 -30.68 -5.92
CA ASN A 212 -7.52 -29.43 -5.19
C ASN A 212 -8.17 -28.33 -5.97
N ILE A 213 -8.80 -27.40 -5.24
CA ILE A 213 -9.56 -26.32 -5.86
C ILE A 213 -9.08 -24.98 -5.31
N ILE A 214 -8.77 -24.05 -6.21
CA ILE A 214 -8.47 -22.67 -5.84
C ILE A 214 -9.47 -21.75 -6.55
N VAL A 215 -10.12 -20.86 -5.80
CA VAL A 215 -11.02 -19.87 -6.38
C VAL A 215 -10.43 -18.50 -6.09
N VAL A 216 -10.24 -17.72 -7.15
CA VAL A 216 -9.71 -16.37 -7.03
C VAL A 216 -10.57 -15.41 -7.83
N SER A 217 -10.34 -14.13 -7.61
CA SER A 217 -10.72 -13.12 -8.57
C SER A 217 -9.49 -12.31 -8.93
N ASP A 218 -9.62 -11.52 -10.00
CA ASP A 218 -8.52 -10.69 -10.50
C ASP A 218 -8.44 -9.33 -9.81
N HIS A 219 -9.59 -8.85 -9.36
CA HIS A 219 -9.72 -7.55 -8.70
C HIS A 219 -11.15 -7.41 -8.21
N GLY A 220 -11.41 -6.38 -7.40
CA GLY A 220 -12.75 -6.05 -6.95
C GLY A 220 -13.47 -5.09 -7.89
N MET A 221 -14.30 -4.24 -7.32
CA MET A 221 -15.18 -3.36 -8.09
C MET A 221 -15.62 -2.21 -7.22
N ALA A 222 -15.54 -0.99 -7.75
CA ALA A 222 -15.98 0.20 -7.03
C ALA A 222 -17.15 0.85 -7.75
N GLU A 223 -17.98 1.55 -6.99
CA GLU A 223 -19.11 2.26 -7.56
C GLU A 223 -18.66 3.52 -8.30
N VAL A 224 -19.24 3.72 -9.48
CA VAL A 224 -19.07 4.95 -10.25
C VAL A 224 -20.45 5.57 -10.39
N ALA A 225 -20.70 6.59 -9.56
CA ALA A 225 -22.01 7.22 -9.50
C ALA A 225 -22.18 8.16 -10.69
N PRO A 226 -23.42 8.56 -10.99
CA PRO A 226 -23.60 9.52 -12.08
C PRO A 226 -22.72 10.77 -11.93
N GLY A 227 -22.21 11.26 -13.05
CA GLY A 227 -21.42 12.47 -13.09
C GLY A 227 -19.95 12.27 -12.78
N HIS A 228 -19.51 11.01 -12.69
CA HIS A 228 -18.11 10.71 -12.37
C HIS A 228 -17.29 10.33 -13.60
N ALA A 229 -17.60 10.91 -14.75
CA ALA A 229 -16.84 10.63 -15.97
C ALA A 229 -16.37 11.93 -16.61
N ILE A 230 -15.09 11.99 -16.91
CA ILE A 230 -14.49 13.11 -17.65
C ILE A 230 -13.95 12.58 -18.98
N SER A 231 -13.52 13.49 -19.84
CA SER A 231 -12.85 13.12 -21.07
C SER A 231 -11.34 13.04 -20.85
N VAL A 232 -10.69 12.06 -21.47
CA VAL A 232 -9.23 12.01 -21.43
C VAL A 232 -8.61 13.30 -22.00
N GLU A 233 -9.32 13.98 -22.89
CA GLU A 233 -8.82 15.23 -23.47
C GLU A 233 -8.94 16.41 -22.50
N ASP A 234 -9.66 16.23 -21.39
CA ASP A 234 -9.62 17.18 -20.28
C ASP A 234 -8.30 17.11 -19.52
N ILE A 235 -7.62 15.97 -19.60
CA ILE A 235 -6.32 15.79 -18.96
C ILE A 235 -5.20 16.38 -19.82
N ALA A 236 -5.17 16.01 -21.10
CA ALA A 236 -4.26 16.60 -22.07
C ALA A 236 -4.98 16.74 -23.40
N PRO A 237 -4.86 17.92 -24.03
CA PRO A 237 -5.48 18.04 -25.35
C PRO A 237 -4.73 17.22 -26.41
N PRO A 238 -5.45 16.78 -27.45
CA PRO A 238 -4.89 15.86 -28.44
C PRO A 238 -3.69 16.39 -29.25
N GLN A 239 -3.52 17.70 -29.33
CA GLN A 239 -2.40 18.27 -30.06
C GLN A 239 -1.09 18.18 -29.27
N ILE A 240 -1.18 17.98 -27.96
N ILE A 240 -1.21 17.96 -27.97
CA ILE A 240 0.05 17.82 -27.17
CA ILE A 240 -0.05 17.84 -27.09
C ILE A 240 0.34 16.37 -26.76
C ILE A 240 0.31 16.38 -26.85
N ALA A 241 -0.70 15.54 -26.61
CA ALA A 241 -0.48 14.12 -26.31
C ALA A 241 -1.63 13.24 -26.73
N THR A 242 -1.31 11.99 -27.04
CA THR A 242 -2.28 10.99 -27.41
C THR A 242 -2.56 10.09 -26.22
N ALA A 243 -3.83 9.92 -25.87
CA ALA A 243 -4.25 8.98 -24.85
C ALA A 243 -4.21 7.57 -25.46
N ILE A 244 -3.30 6.76 -24.93
CA ILE A 244 -3.10 5.40 -25.41
C ILE A 244 -4.18 4.50 -24.82
N THR A 245 -4.56 4.78 -23.57
CA THR A 245 -5.65 4.06 -22.91
C THR A 245 -6.58 5.06 -22.25
N ASP A 246 -7.82 4.65 -22.06
CA ASP A 246 -8.78 5.39 -21.24
C ASP A 246 -9.23 4.52 -20.08
N GLY A 247 -10.23 4.98 -19.34
CA GLY A 247 -10.76 4.26 -18.20
C GLY A 247 -10.29 4.84 -16.88
N GLN A 248 -9.34 4.14 -16.26
CA GLN A 248 -8.83 4.55 -14.94
C GLN A 248 -7.30 4.67 -14.89
N VAL A 249 -6.59 3.89 -15.69
CA VAL A 249 -5.16 4.01 -15.85
C VAL A 249 -4.94 4.55 -17.25
N ILE A 250 -4.61 5.85 -17.30
CA ILE A 250 -4.61 6.62 -18.52
C ILE A 250 -3.17 6.87 -18.92
N GLY A 251 -2.76 6.27 -20.02
CA GLY A 251 -1.40 6.44 -20.50
C GLY A 251 -1.39 7.46 -21.61
N PHE A 252 -0.43 8.39 -21.57
CA PHE A 252 -0.26 9.42 -22.59
C PHE A 252 1.12 9.34 -23.23
N GLU A 253 1.14 9.52 -24.55
CA GLU A 253 2.40 9.69 -25.25
C GLU A 253 2.41 11.07 -25.92
N PRO A 254 3.28 11.96 -25.45
CA PRO A 254 3.37 13.25 -26.11
C PRO A 254 3.66 13.14 -27.60
N LEU A 255 3.12 14.08 -28.37
CA LEU A 255 3.43 14.18 -29.79
C LEU A 255 4.89 14.63 -29.92
N PRO A 256 5.49 14.43 -31.11
CA PRO A 256 6.90 14.80 -31.25
C PRO A 256 7.18 16.25 -30.81
N GLY A 257 8.21 16.41 -29.98
CA GLY A 257 8.59 17.72 -29.46
C GLY A 257 7.68 18.28 -28.38
N GLN A 258 6.62 17.55 -28.02
CA GLN A 258 5.60 18.06 -27.09
C GLN A 258 5.74 17.55 -25.66
N GLN A 259 6.86 16.88 -25.35
CA GLN A 259 7.06 16.29 -24.02
C GLN A 259 6.90 17.34 -22.93
N ALA A 260 7.56 18.48 -23.09
CA ALA A 260 7.49 19.57 -22.10
C ALA A 260 6.08 20.14 -21.93
N ALA A 261 5.39 20.38 -23.04
CA ALA A 261 3.99 20.83 -22.98
C ALA A 261 3.06 19.79 -22.33
N ALA A 262 3.25 18.52 -22.69
CA ALA A 262 2.45 17.43 -22.08
C ALA A 262 2.69 17.38 -20.57
N GLU A 263 3.96 17.42 -20.18
CA GLU A 263 4.30 17.40 -18.75
C GLU A 263 3.70 18.58 -18.00
N ALA A 264 3.73 19.75 -18.62
CA ALA A 264 3.11 20.94 -18.02
C ALA A 264 1.60 20.74 -17.78
N SER A 265 0.93 20.11 -18.75
N SER A 265 0.93 20.10 -18.74
CA SER A 265 -0.51 19.86 -18.66
CA SER A 265 -0.52 19.88 -18.65
C SER A 265 -0.85 18.77 -17.65
C SER A 265 -0.87 18.75 -17.67
N VAL A 266 -0.05 17.70 -17.65
CA VAL A 266 -0.41 16.44 -17.02
C VAL A 266 0.18 16.23 -15.62
N LEU A 267 1.45 16.57 -15.42
CA LEU A 267 2.13 16.07 -14.23
C LEU A 267 1.56 16.66 -12.94
N GLY A 268 1.48 15.82 -11.92
CA GLY A 268 1.10 16.25 -10.60
C GLY A 268 -0.34 15.95 -10.22
N ALA A 269 -0.85 16.73 -9.28
CA ALA A 269 -2.16 16.54 -8.68
C ALA A 269 -3.23 17.35 -9.37
N HIS A 270 -4.37 16.71 -9.64
CA HIS A 270 -5.52 17.38 -10.24
C HIS A 270 -6.79 17.01 -9.45
N ASP A 271 -7.92 17.55 -9.86
N ASP A 271 -7.94 17.53 -9.84
CA ASP A 271 -9.16 17.39 -9.10
CA ASP A 271 -9.15 17.37 -9.01
C ASP A 271 -9.42 15.92 -8.71
C ASP A 271 -9.55 15.92 -8.72
N HIS A 272 -9.46 15.06 -9.71
CA HIS A 272 -9.87 13.64 -9.52
C HIS A 272 -8.91 12.64 -10.14
N TYR A 273 -7.65 13.04 -10.27
CA TYR A 273 -6.60 12.14 -10.74
C TYR A 273 -5.24 12.73 -10.38
N ASP A 274 -4.21 11.93 -10.55
CA ASP A 274 -2.83 12.33 -10.41
C ASP A 274 -2.08 11.70 -11.57
N CYS A 275 -1.03 12.37 -12.03
CA CYS A 275 -0.19 11.85 -13.11
C CYS A 275 1.29 11.92 -12.79
N TRP A 276 2.04 11.01 -13.37
CA TRP A 276 3.48 10.90 -13.16
C TRP A 276 4.18 10.50 -14.45
N ARG A 277 5.45 10.87 -14.57
CA ARG A 277 6.34 10.23 -15.54
C ARG A 277 6.42 8.76 -15.11
N LYS A 278 6.45 7.84 -16.06
CA LYS A 278 6.38 6.44 -15.67
C LYS A 278 7.51 6.00 -14.72
N ALA A 279 8.71 6.54 -14.86
CA ALA A 279 9.81 6.21 -13.94
C ALA A 279 9.59 6.74 -12.53
N GLU A 280 8.67 7.69 -12.38
CA GLU A 280 8.40 8.34 -11.10
C GLU A 280 7.12 7.87 -10.42
N LEU A 281 6.48 6.84 -10.98
CA LEU A 281 5.26 6.34 -10.39
C LEU A 281 5.51 5.85 -8.97
N PRO A 282 4.51 5.99 -8.08
CA PRO A 282 4.68 5.50 -6.71
C PRO A 282 5.35 4.12 -6.64
N ALA A 283 6.42 4.04 -5.86
CA ALA A 283 7.20 2.81 -5.77
C ALA A 283 6.37 1.61 -5.35
N ARG A 284 5.37 1.86 -4.51
CA ARG A 284 4.53 0.78 -4.01
C ARG A 284 3.76 0.03 -5.10
N TRP A 285 3.55 0.66 -6.26
CA TRP A 285 2.87 -0.02 -7.36
C TRP A 285 3.78 -0.93 -8.18
N GLN A 286 5.09 -0.81 -8.00
CA GLN A 286 6.07 -1.64 -8.71
C GLN A 286 5.75 -1.72 -10.20
N TYR A 287 5.66 -0.55 -10.80
CA TYR A 287 5.22 -0.41 -12.19
C TYR A 287 5.85 0.84 -12.79
N GLY A 288 6.23 0.72 -14.04
CA GLY A 288 6.78 1.87 -14.77
C GLY A 288 8.13 1.67 -15.45
N SER A 289 8.77 0.52 -15.24
N SER A 289 8.76 0.52 -15.23
CA SER A 289 10.04 0.25 -15.93
CA SER A 289 10.04 0.18 -15.86
C SER A 289 9.81 -0.34 -17.31
C SER A 289 9.90 -0.53 -17.21
N HIS A 290 8.71 -1.08 -17.49
CA HIS A 290 8.52 -1.80 -18.74
C HIS A 290 8.42 -0.84 -19.94
N PRO A 291 9.16 -1.12 -21.04
CA PRO A 291 9.09 -0.22 -22.20
C PRO A 291 7.71 0.01 -22.82
N ARG A 292 6.79 -0.94 -22.69
CA ARG A 292 5.45 -0.81 -23.22
C ARG A 292 4.56 0.17 -22.47
N ILE A 293 4.99 0.64 -21.31
CA ILE A 293 4.19 1.60 -20.56
C ILE A 293 4.41 2.98 -21.19
N PRO A 294 3.33 3.71 -21.49
CA PRO A 294 3.49 5.06 -22.02
C PRO A 294 4.30 6.00 -21.11
N SER A 295 4.87 7.04 -21.72
N SER A 295 4.89 7.04 -21.69
CA SER A 295 5.77 7.98 -21.04
CA SER A 295 5.82 7.89 -20.93
C SER A 295 5.14 8.58 -19.79
C SER A 295 5.15 8.61 -19.76
N LEU A 296 3.86 8.90 -19.88
CA LEU A 296 3.11 9.55 -18.79
C LEU A 296 1.93 8.67 -18.42
N VAL A 297 1.72 8.48 -17.12
CA VAL A 297 0.66 7.62 -16.62
C VAL A 297 -0.14 8.37 -15.57
N CYS A 298 -1.46 8.44 -15.78
CA CYS A 298 -2.38 9.06 -14.84
C CYS A 298 -3.25 7.99 -14.20
N GLN A 299 -3.46 8.15 -12.91
CA GLN A 299 -4.33 7.27 -12.14
C GLN A 299 -5.56 8.03 -11.70
N MET A 300 -6.72 7.63 -12.20
CA MET A 300 -7.96 8.22 -11.74
C MET A 300 -8.23 7.86 -10.28
N HIS A 301 -8.82 8.80 -9.55
CA HIS A 301 -9.25 8.52 -8.19
C HIS A 301 -10.39 7.53 -8.16
N GLU A 302 -10.51 6.81 -7.06
CA GLU A 302 -11.56 5.83 -6.86
C GLU A 302 -12.93 6.41 -7.22
N GLY A 303 -13.63 5.71 -8.11
CA GLY A 303 -14.99 6.09 -8.48
C GLY A 303 -15.13 7.04 -9.65
N TRP A 304 -14.01 7.37 -10.30
CA TRP A 304 -13.99 8.23 -11.46
C TRP A 304 -13.48 7.50 -12.69
N ASP A 305 -14.02 7.87 -13.86
CA ASP A 305 -13.58 7.37 -15.16
C ASP A 305 -13.14 8.55 -16.03
N ALA A 306 -12.13 8.32 -16.88
CA ALA A 306 -11.76 9.27 -17.94
C ALA A 306 -11.89 8.52 -19.25
N LEU A 307 -12.73 9.02 -20.15
CA LEU A 307 -13.09 8.28 -21.35
C LEU A 307 -12.65 8.98 -22.63
N PHE A 308 -12.44 8.18 -23.67
CA PHE A 308 -12.27 8.74 -25.00
C PHE A 308 -13.51 9.58 -25.30
N PRO A 309 -13.33 10.72 -25.98
CA PRO A 309 -14.44 11.66 -26.13
C PRO A 309 -15.70 11.09 -26.78
N ASP A 310 -15.54 10.17 -27.72
CA ASP A 310 -16.70 9.60 -28.40
C ASP A 310 -17.52 8.67 -27.49
N LYS A 311 -16.87 8.06 -26.49
CA LYS A 311 -17.53 7.20 -25.50
C LYS A 311 -18.30 8.03 -24.50
N LEU A 312 -17.66 9.10 -24.06
CA LEU A 312 -18.26 10.01 -23.10
C LEU A 312 -19.59 10.54 -23.62
N ALA A 313 -19.64 10.78 -24.93
CA ALA A 313 -20.85 11.24 -25.59
C ALA A 313 -21.93 10.16 -25.57
N LYS A 314 -21.59 8.94 -25.98
CA LYS A 314 -22.56 7.84 -26.00
C LYS A 314 -22.80 7.21 -24.62
N ARG A 315 -22.08 7.68 -23.59
CA ARG A 315 -22.35 7.27 -22.22
C ARG A 315 -23.76 7.73 -21.84
N ALA A 316 -24.70 6.78 -21.82
CA ALA A 316 -26.08 7.07 -21.45
C ALA A 316 -26.17 7.53 -20.00
N GLN A 317 -26.27 8.85 -19.82
CA GLN A 317 -26.12 9.46 -18.50
C GLN A 317 -27.41 9.38 -17.69
N ARG A 318 -27.51 8.32 -16.90
CA ARG A 318 -28.68 8.04 -16.07
C ARG A 318 -28.25 7.45 -14.73
N GLY A 319 -27.64 6.26 -14.78
CA GLY A 319 -27.53 5.43 -13.60
C GLY A 319 -26.14 5.15 -13.06
N THR A 320 -26.12 4.39 -11.98
CA THR A 320 -24.90 4.00 -11.30
C THR A 320 -24.19 2.91 -12.08
N ARG A 321 -22.86 2.99 -12.14
CA ARG A 321 -22.03 2.01 -12.83
C ARG A 321 -20.94 1.54 -11.88
N GLY A 322 -20.02 0.72 -12.40
CA GLY A 322 -18.87 0.27 -11.62
C GLY A 322 -17.60 0.28 -12.44
N SER A 323 -16.48 0.38 -11.74
CA SER A 323 -15.17 0.30 -12.35
C SER A 323 -14.17 -0.26 -11.37
N HIS A 324 -13.08 -0.75 -11.93
CA HIS A 324 -11.90 -1.08 -11.15
C HIS A 324 -10.74 -0.39 -11.82
N GLY A 325 -9.52 -0.90 -11.71
CA GLY A 325 -8.38 -0.15 -12.25
C GLY A 325 -7.87 0.94 -11.33
N TYR A 326 -8.35 0.95 -10.09
CA TYR A 326 -7.93 1.91 -9.09
C TYR A 326 -6.78 1.36 -8.25
N ASP A 327 -6.17 2.22 -7.45
CA ASP A 327 -5.09 1.86 -6.54
C ASP A 327 -5.36 0.48 -5.91
N PRO A 328 -4.51 -0.51 -6.17
CA PRO A 328 -4.72 -1.88 -5.68
C PRO A 328 -4.84 -2.05 -4.18
N ALA A 329 -4.39 -1.07 -3.42
CA ALA A 329 -4.46 -1.12 -1.96
C ALA A 329 -5.83 -0.76 -1.43
N LEU A 330 -6.71 -0.20 -2.27
CA LEU A 330 -8.04 0.17 -1.83
C LEU A 330 -8.86 -1.06 -1.49
N PRO A 331 -9.61 -1.00 -0.38
CA PRO A 331 -10.50 -2.11 -0.09
C PRO A 331 -11.43 -2.50 -1.23
N SER A 332 -11.93 -1.54 -1.98
CA SER A 332 -12.85 -1.84 -3.08
C SER A 332 -12.20 -2.72 -4.16
N MET A 333 -10.87 -2.66 -4.26
CA MET A 333 -10.16 -3.40 -5.29
C MET A 333 -9.75 -4.80 -4.85
N ARG A 334 -9.95 -5.12 -3.57
CA ARG A 334 -9.59 -6.41 -3.03
C ARG A 334 -10.29 -7.55 -3.73
N ALA A 335 -9.52 -8.60 -4.00
CA ALA A 335 -9.98 -9.81 -4.65
C ALA A 335 -10.15 -10.94 -3.63
N VAL A 336 -10.64 -12.06 -4.15
N VAL A 336 -10.70 -12.05 -4.10
CA VAL A 336 -10.92 -13.26 -3.36
CA VAL A 336 -10.87 -13.21 -3.22
C VAL A 336 -9.78 -14.28 -3.48
C VAL A 336 -9.80 -14.26 -3.46
N PHE A 337 -9.50 -15.00 -2.40
CA PHE A 337 -8.69 -16.21 -2.46
C PHE A 337 -9.27 -17.25 -1.51
N LEU A 338 -9.66 -18.40 -2.04
CA LEU A 338 -10.01 -19.51 -1.18
C LEU A 338 -9.54 -20.79 -1.86
N ALA A 339 -9.33 -21.81 -1.07
CA ALA A 339 -8.81 -23.06 -1.59
C ALA A 339 -9.28 -24.21 -0.71
N GLN A 340 -9.48 -25.37 -1.34
CA GLN A 340 -9.94 -26.54 -0.62
C GLN A 340 -9.53 -27.78 -1.39
N GLY A 341 -9.20 -28.85 -0.66
CA GLY A 341 -8.89 -30.11 -1.30
C GLY A 341 -7.97 -30.99 -0.47
N PRO A 342 -7.64 -32.17 -1.01
CA PRO A 342 -6.86 -33.16 -0.27
C PRO A 342 -5.49 -32.71 0.21
N ASP A 343 -4.88 -31.73 -0.47
CA ASP A 343 -3.56 -31.26 -0.09
C ASP A 343 -3.58 -29.91 0.61
N LEU A 344 -4.77 -29.41 0.91
CA LEU A 344 -4.95 -28.09 1.50
C LEU A 344 -5.55 -28.19 2.89
N ALA A 345 -5.26 -27.17 3.70
CA ALA A 345 -5.70 -27.13 5.09
C ALA A 345 -7.22 -27.03 5.19
N GLN A 346 -7.74 -27.25 6.40
CA GLN A 346 -9.17 -27.36 6.63
C GLN A 346 -9.64 -26.42 7.75
N GLY A 347 -10.55 -25.51 7.42
CA GLY A 347 -11.08 -24.56 8.39
C GLY A 347 -10.06 -23.52 8.82
N LYS A 348 -9.28 -23.02 7.87
CA LYS A 348 -8.23 -22.05 8.15
C LYS A 348 -8.51 -20.71 7.51
N THR A 349 -8.11 -19.64 8.19
CA THR A 349 -8.19 -18.30 7.66
C THR A 349 -6.77 -17.74 7.57
N LEU A 350 -6.47 -17.05 6.47
CA LEU A 350 -5.15 -16.45 6.24
C LEU A 350 -5.27 -14.93 6.22
N PRO A 351 -4.20 -14.24 6.63
CA PRO A 351 -4.17 -12.80 6.45
C PRO A 351 -4.28 -12.39 4.98
N GLY A 352 -4.68 -11.15 4.73
CA GLY A 352 -4.60 -10.58 3.40
C GLY A 352 -3.19 -10.65 2.85
N PHE A 353 -3.07 -10.89 1.55
CA PHE A 353 -1.76 -11.05 0.93
C PHE A 353 -1.81 -10.60 -0.54
N ASP A 354 -0.64 -10.56 -1.18
N ASP A 354 -0.66 -10.47 -1.19
CA ASP A 354 -0.48 -10.07 -2.56
CA ASP A 354 -0.67 -10.01 -2.58
C ASP A 354 -0.64 -11.20 -3.58
C ASP A 354 -0.68 -11.17 -3.57
N ASN A 355 -1.35 -10.95 -4.68
CA ASN A 355 -1.62 -12.01 -5.66
C ASN A 355 -0.43 -12.68 -6.35
N VAL A 356 0.74 -12.05 -6.32
CA VAL A 356 1.95 -12.70 -6.82
C VAL A 356 2.31 -13.98 -6.05
N ASP A 357 1.74 -14.15 -4.85
CA ASP A 357 2.10 -15.28 -4.01
C ASP A 357 1.35 -16.57 -4.37
N VAL A 358 0.31 -16.49 -5.18
CA VAL A 358 -0.47 -17.68 -5.53
C VAL A 358 0.34 -18.69 -6.35
N TYR A 359 1.18 -18.18 -7.24
CA TYR A 359 1.95 -19.02 -8.15
C TYR A 359 2.77 -20.08 -7.42
N ALA A 360 3.49 -19.70 -6.36
CA ALA A 360 4.30 -20.66 -5.61
C ALA A 360 3.47 -21.81 -5.05
N LEU A 361 2.25 -21.52 -4.59
CA LEU A 361 1.37 -22.56 -4.10
C LEU A 361 0.97 -23.47 -5.24
N MET A 362 0.54 -22.89 -6.35
CA MET A 362 0.08 -23.69 -7.48
C MET A 362 1.18 -24.59 -8.03
N SER A 363 2.40 -24.07 -8.15
N SER A 363 2.39 -24.06 -8.15
CA SER A 363 3.50 -24.88 -8.67
CA SER A 363 3.51 -24.86 -8.64
C SER A 363 3.75 -26.11 -7.77
C SER A 363 3.71 -26.11 -7.77
N ARG A 364 3.63 -25.94 -6.46
CA ARG A 364 3.72 -27.06 -5.54
C ARG A 364 2.58 -28.07 -5.76
N LEU A 365 1.34 -27.57 -5.85
CA LEU A 365 0.18 -28.44 -6.03
C LEU A 365 0.18 -29.18 -7.38
N LEU A 366 0.88 -28.62 -8.37
CA LEU A 366 0.96 -29.17 -9.72
C LEU A 366 2.20 -30.03 -9.95
N GLY A 367 3.10 -30.07 -8.99
CA GLY A 367 4.31 -30.87 -9.13
C GLY A 367 5.21 -30.38 -10.23
N ILE A 368 5.28 -29.07 -10.41
CA ILE A 368 6.16 -28.47 -11.39
C ILE A 368 7.21 -27.64 -10.66
N PRO A 369 8.42 -27.54 -11.23
CA PRO A 369 9.40 -26.65 -10.62
C PRO A 369 8.96 -25.20 -10.78
N ALA A 370 9.01 -24.44 -9.69
CA ALA A 370 8.61 -23.03 -9.71
C ALA A 370 9.57 -22.21 -10.55
N ALA A 371 9.04 -21.57 -11.59
CA ALA A 371 9.81 -20.62 -12.36
C ALA A 371 10.16 -19.43 -11.47
N PRO A 372 11.21 -18.69 -11.84
CA PRO A 372 11.55 -17.49 -11.05
C PRO A 372 10.36 -16.55 -11.04
N ASN A 373 10.04 -15.99 -9.88
CA ASN A 373 8.87 -15.15 -9.78
C ASN A 373 9.00 -14.08 -8.69
N ASP A 374 8.01 -13.20 -8.61
CA ASP A 374 8.04 -12.04 -7.74
C ASP A 374 7.37 -12.30 -6.40
N GLY A 375 6.85 -13.51 -6.20
CA GLY A 375 6.13 -13.84 -4.99
C GLY A 375 7.02 -14.37 -3.89
N ASN A 376 6.41 -14.57 -2.73
CA ASN A 376 7.05 -15.16 -1.58
C ASN A 376 6.44 -16.55 -1.31
N PRO A 377 7.23 -17.62 -1.44
CA PRO A 377 6.69 -18.97 -1.21
C PRO A 377 6.22 -19.18 0.22
N ALA A 378 6.75 -18.41 1.16
CA ALA A 378 6.35 -18.56 2.55
C ALA A 378 4.88 -18.24 2.78
N THR A 379 4.32 -17.31 2.02
CA THR A 379 3.00 -16.76 2.32
C THR A 379 1.92 -17.82 2.37
N LEU A 380 1.88 -18.69 1.36
CA LEU A 380 0.81 -19.67 1.28
C LEU A 380 1.19 -21.08 1.71
N LEU A 381 2.36 -21.26 2.31
CA LEU A 381 2.67 -22.55 2.92
C LEU A 381 1.62 -22.97 3.97
N PRO A 382 1.13 -22.03 4.79
CA PRO A 382 0.05 -22.39 5.72
C PRO A 382 -1.27 -22.84 5.08
N ALA A 383 -1.43 -22.63 3.77
CA ALA A 383 -2.61 -23.15 3.07
C ALA A 383 -2.52 -24.66 2.84
N LEU A 384 -1.31 -25.22 2.92
CA LEU A 384 -1.12 -26.66 2.73
C LEU A 384 -1.56 -27.45 3.94
N ARG A 385 -2.04 -28.66 3.71
CA ARG A 385 -2.51 -29.52 4.78
C ARG A 385 -1.42 -29.84 5.80
N MET A 386 -0.19 -30.04 5.33
CA MET A 386 0.95 -30.08 6.23
C MET A 386 2.04 -29.16 5.71
N THR B 5 24.22 35.21 2.68
CA THR B 5 23.91 34.13 3.67
C THR B 5 22.81 33.24 3.08
N PRO B 6 23.04 31.91 3.05
CA PRO B 6 22.01 31.01 2.50
C PRO B 6 20.73 30.95 3.34
N HIS B 7 19.60 30.63 2.70
CA HIS B 7 18.31 30.60 3.38
C HIS B 7 18.22 29.49 4.42
N ALA B 8 17.77 29.85 5.60
CA ALA B 8 17.56 28.88 6.66
C ALA B 8 16.35 28.00 6.35
N LEU B 9 16.30 26.85 7.02
CA LEU B 9 15.13 25.96 6.99
C LEU B 9 14.57 25.79 8.40
N LEU B 10 13.29 26.09 8.55
CA LEU B 10 12.53 25.80 9.76
C LEU B 10 11.69 24.54 9.51
N LEU B 11 11.95 23.49 10.30
CA LEU B 11 11.24 22.22 10.17
C LEU B 11 10.36 22.05 11.40
N ILE B 12 9.05 21.93 11.18
CA ILE B 12 8.08 21.79 12.26
C ILE B 12 7.35 20.45 12.18
N SER B 13 7.35 19.70 13.29
CA SER B 13 6.52 18.50 13.38
C SER B 13 5.34 18.72 14.32
N ILE B 14 4.15 18.35 13.85
CA ILE B 14 2.97 18.34 14.69
C ILE B 14 2.61 16.86 14.88
N ASP B 15 2.97 16.30 16.02
CA ASP B 15 2.82 14.88 16.27
C ASP B 15 1.36 14.47 16.10
N GLY B 16 1.09 13.41 15.34
CA GLY B 16 -0.25 12.85 15.25
C GLY B 16 -1.30 13.63 14.47
N LEU B 17 -0.88 14.63 13.69
CA LEU B 17 -1.81 15.40 12.86
C LEU B 17 -2.15 14.63 11.58
N ARG B 18 -3.40 14.21 11.48
CA ARG B 18 -3.85 13.41 10.34
C ARG B 18 -4.02 14.30 9.12
N ALA B 19 -3.75 13.73 7.95
CA ALA B 19 -3.68 14.49 6.71
C ALA B 19 -4.91 15.34 6.43
N ASP B 20 -6.09 14.83 6.77
CA ASP B 20 -7.34 15.51 6.48
C ASP B 20 -7.61 16.68 7.41
N MET B 21 -6.78 16.86 8.43
CA MET B 21 -7.03 17.89 9.42
C MET B 21 -6.68 19.29 8.96
N LEU B 22 -6.06 19.40 7.79
CA LEU B 22 -5.85 20.69 7.14
C LEU B 22 -7.09 21.19 6.41
N ASP B 23 -8.09 20.33 6.24
CA ASP B 23 -9.22 20.62 5.39
C ASP B 23 -10.55 20.67 6.12
N ARG B 24 -10.51 21.01 7.41
CA ARG B 24 -11.76 21.17 8.15
C ARG B 24 -11.87 22.44 8.96
N GLY B 25 -11.20 23.50 8.49
CA GLY B 25 -11.43 24.85 9.01
C GLY B 25 -10.88 25.10 10.40
N ILE B 26 -9.90 24.29 10.81
CA ILE B 26 -9.30 24.44 12.14
C ILE B 26 -7.79 24.73 12.07
N THR B 27 -7.28 25.02 10.87
CA THR B 27 -5.88 25.31 10.69
C THR B 27 -5.69 26.53 9.79
N PRO B 28 -6.27 27.68 10.17
CA PRO B 28 -6.20 28.83 9.27
C PRO B 28 -4.78 29.28 8.91
N ASN B 29 -3.88 29.21 9.90
CA ASN B 29 -2.50 29.63 9.67
C ASN B 29 -1.76 28.67 8.74
N LEU B 30 -1.89 27.37 8.98
CA LEU B 30 -1.25 26.37 8.11
C LEU B 30 -1.92 26.31 6.74
N SER B 31 -3.23 26.52 6.69
CA SER B 31 -3.95 26.51 5.43
C SER B 31 -3.49 27.67 4.55
N HIS B 32 -3.26 28.83 5.15
CA HIS B 32 -2.77 30.00 4.42
C HIS B 32 -1.33 29.77 3.94
N LEU B 33 -0.49 29.22 4.82
CA LEU B 33 0.88 28.88 4.47
C LEU B 33 0.89 27.93 3.26
N ALA B 34 0.04 26.91 3.31
CA ALA B 34 -0.07 25.95 2.21
C ALA B 34 -0.48 26.61 0.89
N ARG B 35 -1.46 27.51 0.96
CA ARG B 35 -1.89 28.27 -0.24
C ARG B 35 -0.82 29.17 -0.81
N GLU B 36 0.00 29.75 0.07
CA GLU B 36 1.17 30.53 -0.32
C GLU B 36 2.28 29.66 -0.88
N GLY B 37 2.26 28.37 -0.55
CA GLY B 37 3.38 27.50 -0.82
C GLY B 37 2.94 26.22 -1.51
N VAL B 38 3.37 25.09 -0.95
N VAL B 38 3.34 25.08 -0.97
CA VAL B 38 3.18 23.77 -1.52
CA VAL B 38 3.08 23.81 -1.63
C VAL B 38 2.48 22.89 -0.47
C VAL B 38 2.62 22.78 -0.59
N ARG B 39 1.58 22.05 -0.92
CA ARG B 39 1.03 21.05 -0.01
C ARG B 39 0.80 19.75 -0.77
N ALA B 40 1.13 18.65 -0.12
CA ALA B 40 0.81 17.35 -0.67
C ALA B 40 -0.59 16.99 -0.23
N ARG B 41 -1.29 16.18 -1.01
CA ARG B 41 -2.60 15.68 -0.59
C ARG B 41 -2.49 15.03 0.78
N TRP B 42 -1.42 14.27 0.95
CA TRP B 42 -1.10 13.56 2.18
C TRP B 42 0.32 13.02 2.06
N MET B 43 0.88 12.54 3.17
CA MET B 43 2.20 11.91 3.17
C MET B 43 2.06 10.60 3.94
N ALA B 44 2.50 9.50 3.36
CA ALA B 44 2.38 8.21 4.05
C ALA B 44 3.53 8.03 5.02
N PRO B 45 3.25 7.59 6.25
CA PRO B 45 4.33 7.21 7.15
C PRO B 45 4.98 5.90 6.72
N SER B 46 6.16 5.63 7.27
CA SER B 46 6.79 4.32 7.11
C SER B 46 6.31 3.36 8.19
N TYR B 47 6.53 2.08 7.97
CA TYR B 47 6.21 1.05 8.96
C TYR B 47 7.32 0.96 9.99
N PRO B 48 6.98 0.94 11.30
CA PRO B 48 5.64 1.09 11.86
C PRO B 48 5.25 2.54 12.02
N SER B 49 3.95 2.81 11.97
CA SER B 49 3.44 4.19 11.97
C SER B 49 3.40 4.77 13.38
N LEU B 50 4.60 4.85 13.97
CA LEU B 50 4.84 5.30 15.34
C LEU B 50 5.78 6.50 15.35
N THR B 51 5.85 7.20 16.48
CA THR B 51 6.55 8.48 16.58
C THR B 51 8.04 8.46 16.35
N PHE B 52 8.78 7.67 17.12
CA PHE B 52 10.23 7.72 16.99
C PHE B 52 10.69 7.18 15.65
N PRO B 53 10.18 6.00 15.22
CA PRO B 53 10.58 5.54 13.89
C PRO B 53 10.35 6.56 12.77
N ASN B 54 9.21 7.22 12.78
CA ASN B 54 8.90 8.15 11.70
C ASN B 54 9.56 9.52 11.79
N HIS B 55 9.73 10.07 12.98
CA HIS B 55 10.50 11.31 13.10
C HIS B 55 11.91 11.07 12.62
N TYR B 56 12.49 9.92 12.95
CA TYR B 56 13.86 9.66 12.54
C TYR B 56 13.95 9.35 11.03
N THR B 57 12.96 8.67 10.47
CA THR B 57 12.87 8.55 9.02
C THR B 57 12.82 9.91 8.32
N LEU B 58 12.00 10.82 8.85
CA LEU B 58 11.87 12.13 8.20
C LEU B 58 13.22 12.81 8.01
N VAL B 59 14.09 12.75 9.02
CA VAL B 59 15.36 13.47 8.98
C VAL B 59 16.56 12.67 8.43
N THR B 60 16.36 11.39 8.10
CA THR B 60 17.41 10.55 7.49
C THR B 60 17.12 10.06 6.09
N GLY B 61 15.85 10.04 5.70
CA GLY B 61 15.48 9.43 4.43
C GLY B 61 15.48 7.91 4.43
N LEU B 62 15.62 7.30 5.60
CA LEU B 62 15.71 5.85 5.73
C LEU B 62 14.45 5.27 6.33
N ARG B 63 14.03 4.10 5.84
CA ARG B 63 12.97 3.34 6.51
C ARG B 63 13.45 2.89 7.88
N PRO B 64 12.53 2.75 8.83
CA PRO B 64 12.93 2.22 10.15
C PRO B 64 13.71 0.90 10.12
N ASP B 65 13.37 0.01 9.20
CA ASP B 65 14.11 -1.24 9.03
C ASP B 65 15.59 -1.01 8.79
N HIS B 66 15.94 0.16 8.25
CA HIS B 66 17.32 0.48 7.91
C HIS B 66 18.03 1.36 8.94
N HIS B 67 17.34 2.35 9.51
CA HIS B 67 17.99 3.24 10.47
C HIS B 67 18.04 2.64 11.89
N GLY B 68 17.25 1.59 12.14
CA GLY B 68 17.34 0.86 13.41
C GLY B 68 16.44 1.29 14.56
N ILE B 69 15.75 2.42 14.41
CA ILE B 69 14.73 2.82 15.37
C ILE B 69 13.45 2.16 14.89
N VAL B 70 13.35 0.87 15.18
CA VAL B 70 12.34 0.00 14.58
C VAL B 70 11.01 0.03 15.33
N HIS B 71 11.01 0.66 16.50
CA HIS B 71 9.79 0.83 17.30
C HIS B 71 10.11 1.94 18.31
N ASN B 72 9.10 2.41 19.04
CA ASN B 72 9.34 3.30 20.17
C ASN B 72 10.02 2.57 21.34
N SER B 73 9.74 1.27 21.45
N SER B 73 9.74 1.27 21.46
CA SER B 73 10.27 0.44 22.53
CA SER B 73 10.28 0.45 22.54
C SER B 73 11.04 -0.72 21.91
C SER B 73 11.04 -0.72 21.92
N MET B 74 12.28 -0.91 22.32
CA MET B 74 13.15 -1.93 21.73
C MET B 74 14.01 -2.62 22.76
N ARG B 75 14.55 -3.77 22.37
CA ARG B 75 15.59 -4.45 23.15
C ARG B 75 16.74 -4.82 22.22
N ASP B 76 17.95 -4.69 22.74
CA ASP B 76 19.15 -4.97 22.00
C ASP B 76 20.08 -5.68 22.98
N PRO B 77 20.67 -6.81 22.57
CA PRO B 77 21.54 -7.56 23.49
C PRO B 77 22.77 -6.79 23.98
N THR B 78 23.25 -5.83 23.18
CA THR B 78 24.40 -5.02 23.56
C THR B 78 23.98 -3.73 24.24
N LEU B 79 22.98 -3.05 23.68
CA LEU B 79 22.62 -1.72 24.14
C LEU B 79 21.60 -1.72 25.27
N GLY B 80 20.95 -2.86 25.49
CA GLY B 80 19.91 -2.98 26.51
C GLY B 80 18.57 -2.52 25.97
N GLY B 81 17.77 -1.92 26.84
CA GLY B 81 16.44 -1.48 26.48
C GLY B 81 16.39 -0.05 25.98
N PHE B 82 15.35 0.25 25.22
CA PHE B 82 15.08 1.58 24.68
C PHE B 82 13.60 1.82 24.83
N TRP B 83 13.24 2.94 25.45
CA TRP B 83 11.88 3.48 25.39
C TRP B 83 11.97 5.00 25.53
N LEU B 84 10.88 5.71 25.26
CA LEU B 84 10.97 7.14 25.01
C LEU B 84 11.43 7.96 26.22
N SER B 85 11.10 7.51 27.42
CA SER B 85 11.48 8.23 28.65
C SER B 85 12.79 7.73 29.25
N LYS B 86 13.44 6.77 28.59
CA LYS B 86 14.72 6.24 29.05
C LYS B 86 15.82 7.10 28.46
N SER B 87 16.12 8.21 29.14
CA SER B 87 16.97 9.26 28.58
C SER B 87 18.37 8.78 28.19
N GLU B 88 18.95 7.85 28.95
CA GLU B 88 20.29 7.36 28.62
C GLU B 88 20.33 6.42 27.42
N ALA B 89 19.18 5.86 27.04
CA ALA B 89 19.07 5.11 25.78
C ALA B 89 18.82 6.06 24.62
N VAL B 90 17.85 6.95 24.80
CA VAL B 90 17.50 7.94 23.76
C VAL B 90 18.72 8.79 23.42
N GLY B 91 19.55 9.05 24.41
CA GLY B 91 20.77 9.83 24.23
C GLY B 91 22.02 9.06 23.81
N ASP B 92 21.89 7.76 23.55
CA ASP B 92 23.00 6.88 23.16
C ASP B 92 23.02 6.75 21.64
N ALA B 93 24.04 7.34 21.03
CA ALA B 93 24.22 7.37 19.56
C ALA B 93 24.15 6.00 18.89
N ARG B 94 24.48 4.93 19.61
CA ARG B 94 24.58 3.60 19.00
C ARG B 94 23.25 3.04 18.51
N TRP B 95 22.14 3.58 19.01
CA TRP B 95 20.81 3.18 18.52
C TRP B 95 20.50 3.73 17.15
N TRP B 96 21.10 4.88 16.81
CA TRP B 96 20.61 5.73 15.72
C TRP B 96 21.45 5.59 14.44
N GLY B 97 20.89 4.93 13.43
CA GLY B 97 21.62 4.67 12.19
C GLY B 97 21.54 5.83 11.22
N GLY B 98 22.32 5.76 10.16
CA GLY B 98 22.31 6.80 9.14
C GLY B 98 22.79 8.14 9.65
N GLU B 99 22.39 9.20 8.95
CA GLU B 99 22.85 10.54 9.24
C GLU B 99 21.68 11.51 9.17
N PRO B 100 21.21 11.99 10.34
CA PRO B 100 20.12 12.94 10.30
C PRO B 100 20.59 14.32 9.81
N VAL B 101 19.66 15.12 9.28
CA VAL B 101 20.04 16.36 8.64
C VAL B 101 20.85 17.32 9.52
N TRP B 102 20.61 17.34 10.83
CA TRP B 102 21.38 18.24 11.69
C TRP B 102 22.87 17.90 11.73
N VAL B 103 23.20 16.62 11.65
CA VAL B 103 24.59 16.16 11.58
C VAL B 103 25.20 16.62 10.25
N GLY B 104 24.47 16.40 9.17
CA GLY B 104 24.87 16.91 7.86
C GLY B 104 25.17 18.40 7.90
N VAL B 105 24.27 19.17 8.50
CA VAL B 105 24.44 20.62 8.61
C VAL B 105 25.70 20.98 9.41
N GLU B 106 25.84 20.39 10.60
CA GLU B 106 27.00 20.69 11.44
C GLU B 106 28.32 20.36 10.74
N ASN B 107 28.34 19.26 9.98
CA ASN B 107 29.57 18.79 9.29
C ASN B 107 29.93 19.65 8.09
N THR B 108 29.02 20.53 7.66
CA THR B 108 29.38 21.54 6.65
C THR B 108 29.85 22.84 7.30
N GLY B 109 30.04 22.84 8.63
CA GLY B 109 30.42 24.06 9.33
C GLY B 109 29.30 25.07 9.56
N GLN B 110 28.06 24.63 9.40
CA GLN B 110 26.90 25.46 9.69
C GLN B 110 26.31 24.97 11.00
N HIS B 111 25.27 25.66 11.49
CA HIS B 111 24.69 25.28 12.77
C HIS B 111 23.22 24.89 12.70
N ALA B 112 22.86 23.97 13.58
CA ALA B 112 21.50 23.48 13.69
C ALA B 112 21.02 23.67 15.12
N ALA B 113 19.76 24.09 15.26
CA ALA B 113 19.14 24.24 16.57
C ALA B 113 17.86 23.41 16.61
N THR B 114 17.73 22.54 17.60
CA THR B 114 16.63 21.59 17.66
C THR B 114 15.80 21.67 18.95
N TRP B 115 14.51 21.92 18.82
CA TRP B 115 13.58 21.78 19.94
C TRP B 115 12.98 20.36 19.97
N SER B 116 13.75 19.42 20.51
N SER B 116 13.73 19.44 20.55
CA SER B 116 13.28 18.10 20.92
CA SER B 116 13.27 18.09 20.87
C SER B 116 12.94 17.08 19.80
C SER B 116 12.76 17.29 19.68
N TRP B 117 13.62 17.17 18.67
CA TRP B 117 13.40 16.20 17.58
C TRP B 117 14.01 14.86 17.98
N PRO B 118 13.27 13.75 17.88
CA PRO B 118 13.84 12.45 18.21
C PRO B 118 15.20 12.15 17.58
N GLY B 119 16.20 11.87 18.41
CA GLY B 119 17.57 11.63 17.98
C GLY B 119 18.49 12.76 18.35
N SER B 120 17.93 13.94 18.60
CA SER B 120 18.74 15.14 18.80
C SER B 120 19.41 15.21 20.17
N GLU B 121 19.07 14.26 21.05
CA GLU B 121 19.69 14.18 22.38
C GLU B 121 20.94 13.31 22.36
N ALA B 122 21.24 12.68 21.23
CA ALA B 122 22.43 11.84 21.07
C ALA B 122 23.49 12.50 20.20
N ALA B 123 24.72 12.00 20.31
CA ALA B 123 25.84 12.42 19.47
C ALA B 123 25.99 11.46 18.30
N ILE B 124 25.03 11.55 17.39
CA ILE B 124 24.98 10.67 16.22
C ILE B 124 26.16 10.96 15.29
N LYS B 125 26.91 9.91 14.96
CA LYS B 125 28.16 10.05 14.21
C LYS B 125 29.09 11.06 14.90
N GLY B 126 29.02 11.09 16.22
CA GLY B 126 29.86 11.96 17.04
C GLY B 126 29.50 13.43 17.04
N VAL B 127 28.32 13.76 16.52
CA VAL B 127 27.96 15.16 16.30
C VAL B 127 26.61 15.48 16.97
N ARG B 128 26.57 16.55 17.75
CA ARG B 128 25.32 17.08 18.31
C ARG B 128 24.92 18.36 17.57
N PRO B 129 23.63 18.73 17.65
CA PRO B 129 23.26 20.06 17.18
C PRO B 129 23.93 21.14 18.03
N SER B 130 24.08 22.34 17.46
CA SER B 130 24.67 23.46 18.17
C SER B 130 23.83 23.91 19.35
N GLN B 131 22.51 23.85 19.19
CA GLN B 131 21.57 24.18 20.25
C GLN B 131 20.52 23.07 20.33
N TRP B 132 20.21 22.63 21.55
CA TRP B 132 19.37 21.43 21.78
C TRP B 132 18.99 21.33 23.24
N ARG B 133 18.09 20.41 23.56
CA ARG B 133 17.70 20.14 24.96
C ARG B 133 17.11 18.74 25.14
N HIS B 134 16.94 18.36 26.41
CA HIS B 134 16.23 17.15 26.77
C HIS B 134 14.74 17.46 26.78
N TYR B 135 13.95 16.63 26.09
CA TYR B 135 12.51 16.87 26.01
C TYR B 135 11.87 16.72 27.37
N GLN B 136 10.95 17.62 27.69
CA GLN B 136 10.21 17.53 28.92
C GLN B 136 8.78 18.01 28.69
N LYS B 137 7.82 17.42 29.39
CA LYS B 137 6.41 17.68 29.16
C LYS B 137 5.99 19.01 29.80
N GLY B 138 4.92 19.59 29.25
CA GLY B 138 4.30 20.77 29.83
C GLY B 138 4.96 22.09 29.51
N VAL B 139 5.83 22.13 28.49
CA VAL B 139 6.43 23.41 28.10
C VAL B 139 5.36 24.23 27.41
N ARG B 140 5.25 25.52 27.75
CA ARG B 140 4.26 26.39 27.15
C ARG B 140 4.47 26.54 25.65
N LEU B 141 3.39 26.80 24.92
CA LEU B 141 3.49 26.99 23.48
C LEU B 141 4.35 28.20 23.16
N ASP B 142 4.14 29.31 23.86
CA ASP B 142 4.89 30.51 23.53
C ASP B 142 6.35 30.45 23.99
N THR B 143 6.65 29.65 25.01
CA THR B 143 8.04 29.40 25.41
C THR B 143 8.84 28.78 24.26
N ARG B 144 8.29 27.74 23.63
CA ARG B 144 9.01 27.12 22.50
C ARG B 144 9.00 27.98 21.25
N VAL B 145 7.92 28.72 21.02
CA VAL B 145 7.89 29.68 19.91
C VAL B 145 8.98 30.76 20.09
N ASP B 146 9.09 31.28 21.31
CA ASP B 146 10.14 32.24 21.68
C ASP B 146 11.53 31.70 21.38
N ALA B 147 11.77 30.45 21.78
CA ALA B 147 13.08 29.85 21.59
C ALA B 147 13.43 29.76 20.11
N VAL B 148 12.47 29.28 19.32
CA VAL B 148 12.71 29.10 17.89
C VAL B 148 12.89 30.42 17.17
N ARG B 149 12.09 31.42 17.52
CA ARG B 149 12.27 32.78 17.00
C ARG B 149 13.68 33.26 17.29
N GLY B 150 14.11 33.07 18.53
CA GLY B 150 15.46 33.44 18.95
C GLY B 150 16.53 32.75 18.12
N TRP B 151 16.38 31.45 17.94
CA TRP B 151 17.37 30.67 17.18
C TRP B 151 17.44 31.08 15.71
N LEU B 152 16.32 31.50 15.14
CA LEU B 152 16.29 31.95 13.75
C LEU B 152 16.91 33.33 13.62
N ALA B 153 16.82 34.13 14.69
CA ALA B 153 17.29 35.51 14.67
C ALA B 153 18.79 35.67 14.89
N THR B 154 19.40 34.71 15.60
N THR B 154 19.41 34.74 15.61
CA THR B 154 20.83 34.73 15.89
CA THR B 154 20.83 34.88 15.94
C THR B 154 21.68 35.02 14.64
C THR B 154 21.68 35.00 14.68
N ASP B 155 22.65 35.91 14.78
CA ASP B 155 23.51 36.29 13.67
C ASP B 155 24.95 36.06 14.09
N GLY B 156 25.90 36.58 13.32
CA GLY B 156 27.29 36.29 13.55
C GLY B 156 27.52 34.80 13.33
N ALA B 157 28.57 34.28 13.94
CA ALA B 157 29.00 32.90 13.69
C ALA B 157 27.99 31.84 14.12
N GLN B 158 27.17 32.14 15.14
CA GLN B 158 26.22 31.19 15.69
C GLN B 158 24.88 31.17 14.91
N ARG B 159 24.89 31.65 13.68
CA ARG B 159 23.74 31.60 12.79
C ARG B 159 23.27 30.18 12.54
N ASN B 160 21.96 29.95 12.58
CA ASN B 160 21.42 28.61 12.40
C ASN B 160 20.81 28.37 11.01
N ARG B 161 21.42 27.46 10.25
CA ARG B 161 20.88 27.08 8.94
C ARG B 161 19.62 26.20 9.07
N LEU B 162 19.56 25.41 10.14
CA LEU B 162 18.41 24.57 10.44
C LEU B 162 17.89 24.86 11.82
N VAL B 163 16.57 25.03 11.96
CA VAL B 163 15.90 25.12 13.25
C VAL B 163 14.73 24.15 13.22
N THR B 164 14.58 23.33 14.26
CA THR B 164 13.44 22.40 14.31
C THR B 164 12.53 22.71 15.50
N LEU B 165 11.25 22.38 15.33
CA LEU B 165 10.24 22.59 16.35
C LEU B 165 9.31 21.39 16.37
N TYR B 166 8.81 21.05 17.55
CA TYR B 166 7.97 19.86 17.73
C TYR B 166 6.83 20.20 18.68
N PHE B 167 5.64 19.70 18.37
CA PHE B 167 4.46 19.82 19.21
C PHE B 167 3.87 18.44 19.48
N GLU B 168 3.60 18.16 20.76
CA GLU B 168 3.02 16.90 21.22
C GLU B 168 1.48 16.91 21.37
N HIS B 169 0.88 18.10 21.36
CA HIS B 169 -0.46 18.32 21.91
C HIS B 169 -1.57 17.59 21.16
N VAL B 170 -1.45 17.55 19.83
CA VAL B 170 -2.47 16.94 18.99
C VAL B 170 -2.49 15.43 19.20
N ASP B 171 -1.31 14.81 19.23
CA ASP B 171 -1.22 13.38 19.47
C ASP B 171 -1.79 12.99 20.83
N GLU B 172 -1.42 13.75 21.87
CA GLU B 172 -1.90 13.47 23.22
C GLU B 172 -3.43 13.49 23.33
N ALA B 173 -4.03 14.51 22.74
CA ALA B 173 -5.49 14.66 22.71
C ALA B 173 -6.14 13.54 21.91
N GLY B 174 -5.51 13.14 20.82
CA GLY B 174 -6.00 12.02 20.02
C GLY B 174 -6.02 10.69 20.74
N HIS B 175 -4.97 10.36 21.47
CA HIS B 175 -4.97 9.10 22.22
C HIS B 175 -6.08 9.11 23.27
N ASP B 176 -6.19 10.20 23.99
CA ASP B 176 -7.12 10.29 25.13
C ASP B 176 -8.59 10.31 24.69
N HIS B 177 -8.88 10.93 23.55
CA HIS B 177 -10.27 11.24 23.18
C HIS B 177 -10.68 10.87 21.76
N GLY B 178 -9.71 10.48 20.92
CA GLY B 178 -9.98 10.13 19.54
C GLY B 178 -9.85 11.31 18.58
N PRO B 179 -9.58 11.01 17.30
CA PRO B 179 -9.36 12.08 16.32
C PRO B 179 -10.57 12.91 15.93
N GLU B 180 -11.79 12.44 16.23
CA GLU B 180 -12.99 13.22 15.92
C GLU B 180 -13.45 14.07 17.10
N SER B 181 -12.70 14.02 18.20
CA SER B 181 -13.10 14.73 19.41
C SER B 181 -12.89 16.23 19.37
N ARG B 182 -13.63 16.92 20.23
CA ARG B 182 -13.41 18.34 20.49
C ARG B 182 -12.00 18.58 21.00
N GLN B 183 -11.50 17.67 21.83
CA GLN B 183 -10.19 17.83 22.43
C GLN B 183 -9.09 17.80 21.36
N TYR B 184 -9.20 16.89 20.41
CA TYR B 184 -8.24 16.82 19.30
C TYR B 184 -8.31 18.09 18.46
N ALA B 185 -9.52 18.51 18.09
CA ALA B 185 -9.67 19.71 17.28
C ALA B 185 -9.14 20.95 17.99
N ASP B 186 -9.38 21.05 19.29
CA ASP B 186 -8.90 22.20 20.05
C ASP B 186 -7.38 22.24 20.12
N ALA B 187 -6.75 21.07 20.21
CA ALA B 187 -5.29 20.99 20.22
C ALA B 187 -4.74 21.42 18.85
N VAL B 188 -5.39 20.96 17.79
CA VAL B 188 -5.02 21.38 16.44
C VAL B 188 -5.10 22.90 16.30
N ARG B 189 -6.20 23.50 16.73
CA ARG B 189 -6.36 24.96 16.62
C ARG B 189 -5.27 25.69 17.41
N ALA B 190 -4.95 25.20 18.60
CA ALA B 190 -3.97 25.86 19.46
C ALA B 190 -2.57 25.78 18.87
N VAL B 191 -2.20 24.63 18.32
CA VAL B 191 -0.89 24.50 17.69
C VAL B 191 -0.82 25.34 16.43
N ASP B 192 -1.88 25.34 15.64
CA ASP B 192 -1.92 26.16 14.44
C ASP B 192 -1.77 27.63 14.78
N ALA B 193 -2.48 28.10 15.81
CA ALA B 193 -2.36 29.50 16.22
C ALA B 193 -0.94 29.83 16.70
N ALA B 194 -0.31 28.91 17.43
CA ALA B 194 1.07 29.12 17.90
C ALA B 194 2.02 29.25 16.72
N ILE B 195 1.84 28.41 15.70
CA ILE B 195 2.65 28.52 14.49
C ILE B 195 2.39 29.87 13.81
N GLY B 196 1.14 30.31 13.79
CA GLY B 196 0.82 31.62 13.27
C GLY B 196 1.56 32.73 13.99
N ARG B 197 1.64 32.63 15.31
CA ARG B 197 2.37 33.62 16.12
C ARG B 197 3.88 33.58 15.82
N LEU B 198 4.41 32.39 15.59
CA LEU B 198 5.80 32.24 15.18
C LEU B 198 6.03 32.95 13.87
N LEU B 199 5.16 32.71 12.89
CA LEU B 199 5.29 33.35 11.58
C LEU B 199 5.25 34.85 11.68
N ALA B 200 4.30 35.38 12.46
CA ALA B 200 4.18 36.82 12.63
C ALA B 200 5.43 37.39 13.29
N GLY B 201 5.95 36.68 14.29
CA GLY B 201 7.17 37.08 14.97
C GLY B 201 8.38 37.10 14.05
N MET B 202 8.49 36.06 13.22
CA MET B 202 9.57 36.00 12.23
C MET B 202 9.48 37.18 11.28
N GLN B 203 8.27 37.61 10.93
CA GLN B 203 8.09 38.76 10.05
C GLN B 203 8.61 40.02 10.74
N ARG B 204 8.26 40.20 12.01
CA ARG B 204 8.71 41.38 12.74
C ARG B 204 10.23 41.38 12.96
N ASP B 205 10.82 40.19 13.11
CA ASP B 205 12.27 40.02 13.29
C ASP B 205 13.08 40.18 12.01
N GLY B 206 12.41 40.13 10.85
CA GLY B 206 13.08 40.16 9.57
C GLY B 206 13.63 38.81 9.12
N THR B 207 13.22 37.72 9.76
CA THR B 207 13.72 36.38 9.38
C THR B 207 12.77 35.61 8.46
N ARG B 208 11.50 36.02 8.38
CA ARG B 208 10.52 35.25 7.59
C ARG B 208 10.90 35.12 6.12
N ALA B 209 11.29 36.23 5.51
CA ALA B 209 11.47 36.25 4.05
C ALA B 209 12.67 35.44 3.55
N ARG B 210 13.59 35.11 4.46
CA ARG B 210 14.78 34.32 4.10
C ARG B 210 14.80 32.93 4.73
N THR B 211 13.64 32.48 5.20
CA THR B 211 13.52 31.15 5.83
C THR B 211 12.51 30.30 5.08
N ASN B 212 12.96 29.15 4.60
CA ASN B 212 12.05 28.12 4.09
C ASN B 212 11.44 27.36 5.25
N ILE B 213 10.18 26.96 5.11
CA ILE B 213 9.46 26.29 6.17
C ILE B 213 8.87 24.99 5.65
N ILE B 214 9.07 23.90 6.40
CA ILE B 214 8.43 22.63 6.14
C ILE B 214 7.65 22.25 7.40
N VAL B 215 6.37 21.93 7.22
CA VAL B 215 5.54 21.40 8.30
C VAL B 215 5.12 19.99 7.94
N VAL B 216 5.43 19.06 8.84
CA VAL B 216 5.10 17.65 8.68
C VAL B 216 4.43 17.11 9.93
N SER B 217 3.83 15.93 9.80
CA SER B 217 3.56 15.10 10.94
C SER B 217 4.17 13.73 10.72
N ASP B 218 4.22 12.96 11.80
CA ASP B 218 4.83 11.65 11.78
C ASP B 218 3.86 10.55 11.36
N HIS B 219 2.57 10.77 11.62
CA HIS B 219 1.53 9.79 11.33
C HIS B 219 0.20 10.44 11.68
N GLY B 220 -0.89 9.79 11.27
CA GLY B 220 -2.23 10.23 11.61
C GLY B 220 -2.77 9.61 12.90
N MET B 221 -4.06 9.36 12.94
CA MET B 221 -4.74 8.92 14.16
C MET B 221 -6.07 8.29 13.79
N ALA B 222 -6.36 7.12 14.36
CA ALA B 222 -7.63 6.42 14.12
C ALA B 222 -8.42 6.28 15.41
N GLU B 223 -9.73 6.19 15.27
CA GLU B 223 -10.63 5.97 16.40
C GLU B 223 -10.54 4.54 16.94
N VAL B 224 -10.52 4.44 18.27
CA VAL B 224 -10.54 3.17 18.97
C VAL B 224 -11.80 3.14 19.83
N ALA B 225 -12.79 2.37 19.36
CA ALA B 225 -14.10 2.31 19.99
C ALA B 225 -13.99 1.63 21.35
N PRO B 226 -14.97 1.87 22.23
CA PRO B 226 -14.99 1.13 23.49
C PRO B 226 -14.97 -0.38 23.29
N GLY B 227 -14.21 -1.08 24.13
CA GLY B 227 -14.17 -2.53 24.10
C GLY B 227 -13.21 -3.07 23.06
N HIS B 228 -12.40 -2.18 22.47
CA HIS B 228 -11.47 -2.59 21.40
C HIS B 228 -10.04 -2.80 21.92
N ALA B 229 -9.89 -3.25 23.16
CA ALA B 229 -8.57 -3.54 23.70
C ALA B 229 -8.54 -4.98 24.20
N ILE B 230 -7.52 -5.72 23.80
CA ILE B 230 -7.26 -7.06 24.31
C ILE B 230 -5.93 -7.02 25.05
N SER B 231 -5.59 -8.13 25.69
CA SER B 231 -4.28 -8.32 26.30
C SER B 231 -3.30 -8.93 25.32
N VAL B 232 -2.06 -8.48 25.36
CA VAL B 232 -1.03 -9.13 24.53
C VAL B 232 -0.92 -10.62 24.90
N GLU B 233 -1.25 -10.97 26.13
CA GLU B 233 -1.19 -12.36 26.55
C GLU B 233 -2.35 -13.22 26.02
N ASP B 234 -3.38 -12.56 25.45
CA ASP B 234 -4.43 -13.25 24.67
C ASP B 234 -3.87 -13.73 23.33
N ILE B 235 -2.81 -13.09 22.85
CA ILE B 235 -2.17 -13.49 21.59
C ILE B 235 -1.23 -14.68 21.81
N ALA B 236 -0.37 -14.58 22.83
CA ALA B 236 0.51 -15.68 23.24
C ALA B 236 0.68 -15.66 24.74
N PRO B 237 0.54 -16.82 25.40
CA PRO B 237 0.81 -16.81 26.84
C PRO B 237 2.29 -16.58 27.18
N PRO B 238 2.55 -15.98 28.35
CA PRO B 238 3.91 -15.62 28.75
C PRO B 238 4.86 -16.81 28.92
N GLN B 239 4.30 -18.01 29.05
CA GLN B 239 5.10 -19.24 29.13
C GLN B 239 5.73 -19.62 27.79
N ILE B 240 5.14 -19.19 26.68
CA ILE B 240 5.73 -19.55 25.39
C ILE B 240 6.41 -18.40 24.66
N ALA B 241 6.03 -17.16 24.95
CA ALA B 241 6.66 -16.02 24.31
C ALA B 241 6.51 -14.73 25.12
N THR B 242 7.53 -13.89 25.05
CA THR B 242 7.54 -12.60 25.74
C THR B 242 7.09 -11.51 24.78
N ALA B 243 6.09 -10.73 25.18
CA ALA B 243 5.70 -9.55 24.43
C ALA B 243 6.70 -8.44 24.67
N ILE B 244 7.42 -8.06 23.62
CA ILE B 244 8.46 -7.03 23.72
C ILE B 244 7.82 -5.65 23.66
N THR B 245 6.76 -5.53 22.87
CA THR B 245 6.02 -4.28 22.73
C THR B 245 4.53 -4.57 22.80
N ASP B 246 3.76 -3.56 23.19
CA ASP B 246 2.31 -3.62 23.12
C ASP B 246 1.81 -2.47 22.25
N GLY B 247 0.50 -2.28 22.22
CA GLY B 247 -0.12 -1.22 21.46
C GLY B 247 -0.77 -1.76 20.20
N GLN B 248 -0.09 -1.56 19.07
CA GLN B 248 -0.63 -1.95 17.76
C GLN B 248 0.32 -2.81 16.94
N VAL B 249 1.63 -2.61 17.13
CA VAL B 249 2.66 -3.44 16.54
C VAL B 249 3.26 -4.23 17.69
N ILE B 250 2.92 -5.51 17.74
CA ILE B 250 3.20 -6.35 18.90
C ILE B 250 4.28 -7.35 18.55
N GLY B 251 5.44 -7.18 19.15
CA GLY B 251 6.58 -8.06 18.91
C GLY B 251 6.64 -9.14 19.97
N PHE B 252 6.83 -10.39 19.54
CA PHE B 252 6.97 -11.50 20.48
C PHE B 252 8.29 -12.22 20.26
N GLU B 253 8.94 -12.57 21.35
CA GLU B 253 10.13 -13.40 21.27
C GLU B 253 9.87 -14.71 21.99
N PRO B 254 9.76 -15.83 21.24
CA PRO B 254 9.55 -17.12 21.89
C PRO B 254 10.61 -17.45 22.92
N LEU B 255 10.18 -18.07 24.02
CA LEU B 255 11.11 -18.53 25.04
C LEU B 255 11.97 -19.64 24.46
N PRO B 256 13.15 -19.91 25.06
CA PRO B 256 13.99 -20.99 24.56
C PRO B 256 13.21 -22.30 24.43
N GLY B 257 13.27 -22.92 23.25
CA GLY B 257 12.57 -24.18 23.00
C GLY B 257 11.07 -24.07 22.73
N GLN B 258 10.56 -22.84 22.64
CA GLN B 258 9.12 -22.62 22.45
C GLN B 258 8.76 -22.01 21.10
N GLN B 259 9.72 -21.95 20.17
CA GLN B 259 9.43 -21.40 18.83
C GLN B 259 8.23 -22.09 18.17
N ALA B 260 8.20 -23.42 18.19
CA ALA B 260 7.10 -24.15 17.56
C ALA B 260 5.75 -23.88 18.25
N ALA B 261 5.73 -23.90 19.57
CA ALA B 261 4.51 -23.59 20.31
C ALA B 261 4.06 -22.15 20.03
N ALA B 262 5.01 -21.22 20.05
CA ALA B 262 4.70 -19.82 19.80
C ALA B 262 4.16 -19.64 18.40
N GLU B 263 4.82 -20.25 17.41
CA GLU B 263 4.37 -20.13 16.02
C GLU B 263 2.97 -20.75 15.83
N ALA B 264 2.72 -21.90 16.44
CA ALA B 264 1.39 -22.51 16.42
C ALA B 264 0.30 -21.60 17.01
N SER B 265 0.63 -20.90 18.09
CA SER B 265 -0.32 -20.00 18.76
C SER B 265 -0.55 -18.68 18.01
N VAL B 266 0.50 -18.16 17.40
CA VAL B 266 0.53 -16.76 16.97
C VAL B 266 0.38 -16.56 15.47
N LEU B 267 1.06 -17.36 14.66
CA LEU B 267 1.10 -17.09 13.23
C LEU B 267 -0.29 -17.14 12.58
N GLY B 268 -0.52 -16.25 11.62
CA GLY B 268 -1.73 -16.26 10.85
C GLY B 268 -2.77 -15.23 11.23
N ALA B 269 -4.01 -15.51 10.85
CA ALA B 269 -5.11 -14.58 11.00
C ALA B 269 -5.89 -14.88 12.27
N HIS B 270 -6.22 -13.83 13.01
CA HIS B 270 -7.00 -13.94 14.22
C HIS B 270 -8.11 -12.89 14.18
N ASP B 271 -8.94 -12.82 15.21
N ASP B 271 -8.94 -12.81 15.21
CA ASP B 271 -10.13 -12.00 15.11
CA ASP B 271 -10.16 -12.00 15.13
C ASP B 271 -9.83 -10.56 14.66
C ASP B 271 -9.94 -10.51 14.79
N HIS B 272 -8.92 -9.91 15.37
CA HIS B 272 -8.67 -8.47 15.16
C HIS B 272 -7.19 -8.16 15.02
N TYR B 273 -6.43 -9.13 14.53
CA TYR B 273 -5.01 -8.97 14.27
C TYR B 273 -4.52 -10.09 13.37
N ASP B 274 -3.32 -9.92 12.83
CA ASP B 274 -2.61 -10.94 12.08
C ASP B 274 -1.16 -10.95 12.55
N CYS B 275 -0.51 -12.10 12.46
CA CYS B 275 0.90 -12.22 12.87
C CYS B 275 1.73 -12.96 11.83
N TRP B 276 3.00 -12.56 11.76
CA TRP B 276 3.97 -13.12 10.82
C TRP B 276 5.32 -13.31 11.48
N ARG B 277 6.11 -14.25 10.96
CA ARG B 277 7.54 -14.27 11.21
C ARG B 277 8.12 -12.98 10.63
N LYS B 278 9.09 -12.36 11.30
CA LYS B 278 9.51 -11.03 10.85
C LYS B 278 10.04 -11.00 9.39
N ALA B 279 10.69 -12.07 8.97
CA ALA B 279 11.22 -12.15 7.61
C ALA B 279 10.11 -12.34 6.57
N GLU B 280 8.90 -12.68 7.03
CA GLU B 280 7.77 -12.99 6.14
C GLU B 280 6.67 -11.93 6.19
N LEU B 281 6.95 -10.80 6.83
CA LEU B 281 6.00 -9.70 6.90
C LEU B 281 5.66 -9.20 5.51
N PRO B 282 4.44 -8.66 5.32
CA PRO B 282 4.06 -8.12 4.03
C PRO B 282 5.14 -7.23 3.41
N ALA B 283 5.53 -7.55 2.18
CA ALA B 283 6.63 -6.86 1.51
C ALA B 283 6.44 -5.35 1.44
N ARG B 284 5.20 -4.91 1.28
CA ARG B 284 4.91 -3.48 1.17
C ARG B 284 5.26 -2.65 2.40
N TRP B 285 5.38 -3.31 3.55
CA TRP B 285 5.78 -2.61 4.76
C TRP B 285 7.29 -2.39 4.85
N GLN B 286 8.06 -3.08 4.00
CA GLN B 286 9.52 -2.92 3.97
C GLN B 286 10.10 -2.95 5.38
N TYR B 287 9.79 -4.00 6.11
CA TYR B 287 10.14 -4.11 7.53
C TYR B 287 10.30 -5.57 7.87
N GLY B 288 11.27 -5.86 8.75
CA GLY B 288 11.46 -7.20 9.27
C GLY B 288 12.86 -7.77 9.10
N SER B 289 13.75 -7.06 8.41
CA SER B 289 15.14 -7.52 8.25
C SER B 289 16.03 -7.10 9.41
N HIS B 290 15.67 -6.05 10.14
CA HIS B 290 16.56 -5.51 11.15
C HIS B 290 16.66 -6.47 12.33
N PRO B 291 17.89 -6.72 12.81
CA PRO B 291 18.07 -7.63 13.96
C PRO B 291 17.26 -7.29 15.23
N ARG B 292 17.01 -6.01 15.48
CA ARG B 292 16.28 -5.58 16.68
C ARG B 292 14.80 -5.91 16.68
N ILE B 293 14.25 -6.27 15.52
CA ILE B 293 12.84 -6.59 15.44
C ILE B 293 12.63 -7.99 16.03
N PRO B 294 11.67 -8.14 16.96
CA PRO B 294 11.40 -9.46 17.51
C PRO B 294 11.04 -10.52 16.45
N SER B 295 11.26 -11.78 16.82
N SER B 295 11.25 -11.79 16.79
CA SER B 295 11.06 -12.92 15.93
CA SER B 295 11.08 -12.88 15.82
C SER B 295 9.70 -12.96 15.24
C SER B 295 9.68 -12.97 15.21
N LEU B 296 8.66 -12.67 16.02
CA LEU B 296 7.27 -12.69 15.55
C LEU B 296 6.68 -11.30 15.71
N VAL B 297 5.97 -10.84 14.68
CA VAL B 297 5.38 -9.50 14.71
C VAL B 297 3.90 -9.59 14.35
N CYS B 298 3.06 -9.04 15.23
CA CYS B 298 1.62 -8.97 15.02
C CYS B 298 1.22 -7.52 14.75
N GLN B 299 0.30 -7.34 13.80
CA GLN B 299 -0.28 -6.06 13.49
C GLN B 299 -1.76 -6.09 13.88
N MET B 300 -2.12 -5.24 14.85
CA MET B 300 -3.51 -5.10 15.21
C MET B 300 -4.27 -4.44 14.07
N HIS B 301 -5.51 -4.85 13.87
CA HIS B 301 -6.36 -4.19 12.90
C HIS B 301 -6.70 -2.78 13.34
N GLU B 302 -6.94 -1.92 12.36
CA GLU B 302 -7.33 -0.54 12.61
C GLU B 302 -8.42 -0.45 13.67
N GLY B 303 -8.17 0.38 14.69
CA GLY B 303 -9.13 0.64 15.74
C GLY B 303 -9.07 -0.31 16.93
N TRP B 304 -8.07 -1.18 16.96
CA TRP B 304 -7.87 -2.14 18.04
C TRP B 304 -6.50 -1.99 18.68
N ASP B 305 -6.46 -2.24 19.99
CA ASP B 305 -5.22 -2.22 20.77
C ASP B 305 -5.01 -3.57 21.45
N ALA B 306 -3.76 -3.95 21.64
CA ALA B 306 -3.41 -5.08 22.52
C ALA B 306 -2.43 -4.55 23.54
N LEU B 307 -2.78 -4.63 24.81
CA LEU B 307 -2.02 -3.98 25.86
C LEU B 307 -1.35 -4.96 26.79
N PHE B 308 -0.25 -4.55 27.42
CA PHE B 308 0.31 -5.35 28.51
C PHE B 308 -0.79 -5.55 29.57
N PRO B 309 -0.80 -6.71 30.25
CA PRO B 309 -1.89 -6.98 31.17
C PRO B 309 -2.07 -5.95 32.27
N ASP B 310 -0.99 -5.39 32.80
CA ASP B 310 -1.12 -4.41 33.89
C ASP B 310 -1.79 -3.12 33.40
N LYS B 311 -1.46 -2.72 32.18
CA LYS B 311 -2.05 -1.56 31.55
C LYS B 311 -3.52 -1.78 31.22
N LEU B 312 -3.84 -2.96 30.68
CA LEU B 312 -5.22 -3.30 30.37
C LEU B 312 -6.08 -3.27 31.62
N ALA B 313 -5.54 -3.77 32.73
CA ALA B 313 -6.30 -3.79 33.98
C ALA B 313 -6.51 -2.40 34.56
N LYS B 314 -5.52 -1.53 34.44
CA LYS B 314 -5.59 -0.22 35.12
C LYS B 314 -6.27 0.87 34.30
N ARG B 315 -6.21 0.78 32.96
N ARG B 315 -6.22 0.79 32.97
CA ARG B 315 -6.82 1.78 32.08
CA ARG B 315 -6.79 1.87 32.18
C ARG B 315 -8.34 1.80 32.27
C ARG B 315 -8.31 1.83 32.25
N ALA B 316 -8.88 2.94 32.70
CA ALA B 316 -10.32 3.05 32.92
C ALA B 316 -11.02 3.13 31.57
N GLN B 317 -12.08 2.36 31.42
CA GLN B 317 -12.85 2.35 30.19
C GLN B 317 -14.07 3.23 30.29
N ARG B 318 -14.40 3.90 29.18
CA ARG B 318 -15.67 4.61 29.06
C ARG B 318 -15.96 4.81 27.58
N GLY B 319 -15.20 5.71 26.95
CA GLY B 319 -15.51 6.15 25.60
C GLY B 319 -14.44 5.88 24.57
N THR B 320 -14.45 6.71 23.53
CA THR B 320 -13.61 6.55 22.36
C THR B 320 -12.22 7.07 22.65
N ARG B 321 -11.22 6.32 22.19
CA ARG B 321 -9.83 6.75 22.25
C ARG B 321 -9.30 6.86 20.83
N GLY B 322 -8.02 7.13 20.72
CA GLY B 322 -7.33 7.10 19.44
C GLY B 322 -6.05 6.30 19.52
N SER B 323 -5.66 5.74 18.37
CA SER B 323 -4.38 5.08 18.22
C SER B 323 -3.90 5.24 16.80
N HIS B 324 -2.60 5.04 16.64
CA HIS B 324 -2.00 4.91 15.34
C HIS B 324 -1.18 3.63 15.39
N GLY B 325 -0.08 3.52 14.65
CA GLY B 325 0.62 2.25 14.59
C GLY B 325 -0.05 1.20 13.71
N TYR B 326 -1.02 1.62 12.90
CA TYR B 326 -1.70 0.73 11.98
C TYR B 326 -1.05 0.78 10.61
N ASP B 327 -1.46 -0.12 9.73
CA ASP B 327 -0.99 -0.17 8.35
C ASP B 327 -0.83 1.25 7.78
N PRO B 328 0.40 1.65 7.42
CA PRO B 328 0.63 3.01 6.88
C PRO B 328 -0.15 3.40 5.63
N ALA B 329 -0.67 2.43 4.89
CA ALA B 329 -1.45 2.74 3.69
C ALA B 329 -2.86 3.24 4.03
N LEU B 330 -3.31 3.01 5.25
CA LEU B 330 -4.64 3.45 5.66
C LEU B 330 -4.77 4.96 5.64
N PRO B 331 -5.88 5.47 5.08
CA PRO B 331 -6.08 6.91 5.14
C PRO B 331 -5.96 7.50 6.54
N SER B 332 -6.41 6.77 7.56
CA SER B 332 -6.35 7.29 8.93
C SER B 332 -4.91 7.54 9.41
N MET B 333 -3.97 6.81 8.82
CA MET B 333 -2.58 6.92 9.22
C MET B 333 -1.80 7.99 8.47
N ARG B 334 -2.41 8.60 7.46
CA ARG B 334 -1.76 9.61 6.64
C ARG B 334 -1.35 10.83 7.44
N ALA B 335 -0.16 11.32 7.13
CA ALA B 335 0.43 12.50 7.75
C ALA B 335 0.35 13.71 6.82
N VAL B 336 0.85 14.83 7.33
N VAL B 336 0.76 14.87 7.33
CA VAL B 336 0.84 16.13 6.64
CA VAL B 336 0.77 16.09 6.51
C VAL B 336 2.21 16.41 6.00
C VAL B 336 2.16 16.43 6.00
N PHE B 337 2.19 17.06 4.83
CA PHE B 337 3.38 17.71 4.29
C PHE B 337 2.96 19.00 3.63
N LEU B 338 3.51 20.12 4.10
CA LEU B 338 3.39 21.38 3.40
C LEU B 338 4.69 22.14 3.57
N ALA B 339 4.93 23.07 2.66
CA ALA B 339 6.16 23.84 2.67
C ALA B 339 5.92 25.20 2.05
N GLN B 340 6.69 26.19 2.48
CA GLN B 340 6.57 27.52 1.93
C GLN B 340 7.87 28.27 2.17
N GLY B 341 8.24 29.14 1.24
CA GLY B 341 9.42 29.95 1.41
C GLY B 341 10.03 30.36 0.12
N PRO B 342 11.13 31.14 0.21
CA PRO B 342 11.74 31.73 -0.99
C PRO B 342 12.17 30.72 -2.06
N ASP B 343 12.51 29.49 -1.66
CA ASP B 343 13.00 28.48 -2.61
C ASP B 343 11.93 27.48 -2.99
N LEU B 344 10.72 27.69 -2.52
CA LEU B 344 9.64 26.73 -2.69
C LEU B 344 8.53 27.30 -3.59
N ALA B 345 7.82 26.41 -4.27
CA ALA B 345 6.75 26.81 -5.18
C ALA B 345 5.60 27.48 -4.43
N GLN B 346 4.73 28.15 -5.18
CA GLN B 346 3.62 28.93 -4.63
C GLN B 346 2.29 28.52 -5.24
N GLY B 347 1.36 28.09 -4.40
CA GLY B 347 0.00 27.73 -4.84
C GLY B 347 -0.05 26.38 -5.51
N LYS B 348 0.77 25.44 -5.04
CA LYS B 348 0.91 24.15 -5.70
C LYS B 348 0.43 23.01 -4.81
N THR B 349 -0.16 22.01 -5.45
CA THR B 349 -0.59 20.79 -4.76
C THR B 349 0.14 19.60 -5.40
N LEU B 350 0.69 18.72 -4.56
CA LEU B 350 1.37 17.50 -5.00
C LEU B 350 0.55 16.26 -4.69
N PRO B 351 0.71 15.19 -5.48
CA PRO B 351 0.11 13.90 -5.12
C PRO B 351 0.61 13.40 -3.78
N GLY B 352 -0.13 12.48 -3.18
CA GLY B 352 0.34 11.79 -1.99
C GLY B 352 1.64 11.05 -2.27
N PHE B 353 2.51 10.98 -1.25
CA PHE B 353 3.85 10.43 -1.45
C PHE B 353 4.35 9.85 -0.12
N ASP B 354 5.49 9.15 -0.20
N ASP B 354 5.44 9.07 -0.17
CA ASP B 354 6.09 8.44 0.94
CA ASP B 354 5.94 8.46 1.06
C ASP B 354 7.06 9.33 1.73
C ASP B 354 7.02 9.30 1.74
N ASN B 355 7.00 9.27 3.07
CA ASN B 355 7.81 10.17 3.88
C ASN B 355 9.31 10.04 3.77
N VAL B 356 9.82 8.93 3.20
CA VAL B 356 11.24 8.84 2.94
C VAL B 356 11.75 9.85 1.92
N ASP B 357 10.84 10.44 1.14
CA ASP B 357 11.23 11.39 0.11
C ASP B 357 11.51 12.79 0.64
N VAL B 358 11.15 13.08 1.89
CA VAL B 358 11.34 14.45 2.41
C VAL B 358 12.84 14.79 2.56
N TYR B 359 13.62 13.82 2.98
CA TYR B 359 15.06 14.03 3.22
C TYR B 359 15.80 14.66 2.02
N ALA B 360 15.55 14.14 0.83
CA ALA B 360 16.21 14.68 -0.37
C ALA B 360 15.89 16.15 -0.57
N LEU B 361 14.66 16.56 -0.27
CA LEU B 361 14.31 17.97 -0.39
C LEU B 361 15.04 18.79 0.65
N MET B 362 15.04 18.32 1.90
CA MET B 362 15.72 19.07 2.95
C MET B 362 17.21 19.22 2.71
N SER B 363 17.86 18.15 2.24
N SER B 363 17.85 18.15 2.25
CA SER B 363 19.29 18.21 1.97
CA SER B 363 19.27 18.20 1.96
C SER B 363 19.60 19.27 0.92
C SER B 363 19.57 19.29 0.94
N ARG B 364 18.76 19.37 -0.11
CA ARG B 364 18.89 20.42 -1.10
C ARG B 364 18.69 21.82 -0.48
N LEU B 365 17.65 22.00 0.32
CA LEU B 365 17.37 23.32 0.93
C LEU B 365 18.41 23.74 1.95
N LEU B 366 19.09 22.76 2.54
CA LEU B 366 20.12 22.99 3.55
C LEU B 366 21.54 23.07 2.96
N GLY B 367 21.66 22.82 1.66
CA GLY B 367 22.98 22.79 1.02
C GLY B 367 23.92 21.74 1.59
N ILE B 368 23.40 20.56 1.90
CA ILE B 368 24.23 19.47 2.41
C ILE B 368 24.22 18.31 1.41
N PRO B 369 25.31 17.55 1.34
CA PRO B 369 25.23 16.36 0.50
C PRO B 369 24.24 15.37 1.08
N ALA B 370 23.39 14.80 0.24
CA ALA B 370 22.42 13.81 0.69
C ALA B 370 23.13 12.50 0.95
N ALA B 371 23.05 12.00 2.18
CA ALA B 371 23.55 10.68 2.51
C ALA B 371 22.75 9.61 1.76
N PRO B 372 23.32 8.41 1.57
CA PRO B 372 22.58 7.32 0.94
C PRO B 372 21.27 7.07 1.68
N ASN B 373 20.16 7.02 0.95
CA ASN B 373 18.86 6.91 1.58
C ASN B 373 17.85 6.15 0.73
N ASP B 374 16.64 5.99 1.28
CA ASP B 374 15.61 5.14 0.68
C ASP B 374 14.61 5.94 -0.15
N GLY B 375 14.77 7.26 -0.20
CA GLY B 375 13.81 8.13 -0.87
C GLY B 375 14.12 8.34 -2.33
N ASN B 376 13.17 8.94 -3.04
CA ASN B 376 13.32 9.28 -4.45
C ASN B 376 13.45 10.80 -4.57
N PRO B 377 14.60 11.29 -5.03
CA PRO B 377 14.74 12.75 -5.16
C PRO B 377 13.76 13.39 -6.15
N ALA B 378 13.24 12.62 -7.09
CA ALA B 378 12.32 13.20 -8.07
C ALA B 378 11.00 13.68 -7.47
N THR B 379 10.56 13.04 -6.39
CA THR B 379 9.21 13.28 -5.87
C THR B 379 8.97 14.72 -5.50
N LEU B 380 9.92 15.34 -4.81
CA LEU B 380 9.71 16.70 -4.31
C LEU B 380 10.44 17.79 -5.09
N LEU B 381 11.04 17.45 -6.24
CA LEU B 381 11.56 18.49 -7.12
C LEU B 381 10.47 19.50 -7.50
N PRO B 382 9.24 19.02 -7.78
CA PRO B 382 8.15 19.97 -8.01
C PRO B 382 7.77 20.89 -6.85
N ALA B 383 8.25 20.61 -5.64
CA ALA B 383 8.04 21.54 -4.54
C ALA B 383 8.93 22.77 -4.65
N LEU B 384 9.99 22.71 -5.46
CA LEU B 384 10.93 23.81 -5.58
C LEU B 384 10.35 24.93 -6.44
N ARG B 385 10.76 26.15 -6.16
CA ARG B 385 10.23 27.30 -6.89
C ARG B 385 10.57 27.19 -8.38
N MET B 386 11.75 26.66 -8.69
CA MET B 386 12.05 26.33 -10.07
C MET B 386 12.70 24.96 -10.16
ZN ZN C . -11.37 -8.39 -14.48
ZN ZN D . -13.92 -5.28 -15.45
V VO4 E . -11.55 -6.40 -17.16
O1 VO4 E . -10.14 -5.02 -16.93
O2 VO4 E . -11.64 -7.02 -18.82
O3 VO4 E . -12.74 -7.03 -15.66
O4 VO4 E . -12.85 -4.97 -17.34
ZN ZN F . 3.70 10.45 16.97
ZN ZN G . 0.80 8.81 19.47
V VO4 H . 3.93 8.43 19.57
O1 VO4 H . 4.17 6.74 18.73
O2 VO4 H . 4.96 8.68 20.99
O3 VO4 H . 2.65 9.71 18.88
O4 VO4 H . 2.37 7.78 20.52
#